data_2X98
#
_entry.id   2X98
#
_cell.length_a   72.143
_cell.length_b   152.524
_cell.length_c   86.799
_cell.angle_alpha   90.00
_cell.angle_beta   110.00
_cell.angle_gamma   90.00
#
_symmetry.space_group_name_H-M   'C 1 2 1'
#
loop_
_entity.id
_entity.type
_entity.pdbx_description
1 polymer 'ALKALINE PHOSPHATASE'
2 non-polymer 'PHOSPHATE ION'
3 non-polymer 'ZINC ION'
4 non-polymer 'MAGNESIUM ION'
5 non-polymer 'SODIUM ION'
6 non-polymer 'CHLORIDE ION'
7 water water
#
_entity_poly.entity_id   1
_entity_poly.type   'polypeptide(L)'
_entity_poly.pdbx_seq_one_letter_code
;ASPAANAIAYIVDGMGQTQISAARYLNAYKTAPERFPLNVSPAETPTGFDAFSSRGSMTTFPDDPYETTTDSAAAATAFA
SGVKTYNGAIGGVQTSGGGFQRVDTVLERASAQGYATGLITTTEATHATPAAFAAHVEDRGNQTEIARQYIEETQPDVIL
GGQRRDFEADASNGGTLVDAARDNGYTIAETAAELDAVDDPPVLGLFSQESHLDYYLDRKNDPENTQPNLDAMVDAGVDL
LSSAGDPDKGFFLLVESGRVDHAGHANYPAQVAEQYEATQVAGQLVEYAETTAEPTFLVSTGDHECGGLTLGRDSPYEVE
YDVLAAQKATTSRLRDLLAGVRSADELESIVAAHTGITALTDREVAKLRDAPGSISTILAERAGIAFTTDGHTGTDVPVF
AHGPNAARFDAARDNTAVADALAAALGVSLQ
;
_entity_poly.pdbx_strand_id   A,B
#
loop_
_chem_comp.id
_chem_comp.type
_chem_comp.name
_chem_comp.formula
CL non-polymer 'CHLORIDE ION' 'Cl -1'
MG non-polymer 'MAGNESIUM ION' 'Mg 2'
NA non-polymer 'SODIUM ION' 'Na 1'
PO4 non-polymer 'PHOSPHATE ION' 'O4 P -3'
ZN non-polymer 'ZINC ION' 'Zn 2'
#
# COMPACT_ATOMS: atom_id res chain seq x y z
N ALA A 1 -7.53 26.19 5.84
CA ALA A 1 -7.70 24.72 6.04
C ALA A 1 -6.90 24.22 7.23
N SER A 2 -7.27 23.07 7.74
CA SER A 2 -6.52 22.48 8.85
C SER A 2 -5.20 21.85 8.35
N PRO A 3 -4.32 21.43 9.29
CA PRO A 3 -3.03 20.86 8.88
C PRO A 3 -3.16 19.59 8.06
N ALA A 4 -4.22 18.79 8.30
CA ALA A 4 -4.37 17.52 7.62
C ALA A 4 -5.76 17.33 7.02
N ALA A 5 -5.83 16.62 5.88
CA ALA A 5 -7.11 16.25 5.32
C ALA A 5 -7.61 14.94 5.92
N ASN A 6 -6.68 14.06 6.33
CA ASN A 6 -7.07 12.77 6.91
C ASN A 6 -6.39 12.61 8.25
N ALA A 7 -7.06 12.05 9.24
CA ALA A 7 -6.35 11.70 10.48
C ALA A 7 -6.67 10.27 10.89
N ILE A 8 -5.66 9.53 11.34
CA ILE A 8 -5.90 8.12 11.70
C ILE A 8 -5.29 7.92 13.07
N ALA A 9 -6.08 7.36 13.98
CA ALA A 9 -5.60 6.90 15.29
C ALA A 9 -5.50 5.39 15.19
N TYR A 10 -4.32 4.86 15.43
CA TYR A 10 -4.15 3.41 15.37
C TYR A 10 -3.76 2.90 16.74
N ILE A 11 -4.71 2.23 17.40
CA ILE A 11 -4.47 1.75 18.75
C ILE A 11 -4.15 0.25 18.69
N VAL A 12 -3.05 -0.15 19.34
CA VAL A 12 -2.80 -1.58 19.52
C VAL A 12 -3.08 -1.88 20.98
N ASP A 13 -4.13 -2.64 21.21
CA ASP A 13 -4.59 -2.73 22.58
C ASP A 13 -3.67 -3.71 23.31
N GLY A 14 -3.17 -3.31 24.47
CA GLY A 14 -2.20 -4.13 25.21
C GLY A 14 -0.71 -3.98 24.84
N MET A 15 -0.37 -3.16 23.87
CA MET A 15 1.01 -3.00 23.36
C MET A 15 1.85 -2.10 24.23
N GLY A 16 2.90 -2.67 24.81
CA GLY A 16 3.95 -1.87 25.43
C GLY A 16 5.25 -2.11 24.66
N GLN A 17 6.35 -1.54 25.18
CA GLN A 17 7.62 -1.61 24.42
C GLN A 17 8.10 -3.07 24.32
N THR A 18 7.78 -3.92 25.30
CA THR A 18 8.24 -5.30 25.19
C THR A 18 7.53 -6.06 24.06
N GLN A 19 6.22 -5.88 23.92
CA GLN A 19 5.49 -6.53 22.78
C GLN A 19 6.09 -6.06 21.45
N ILE A 20 6.32 -4.77 21.33
CA ILE A 20 6.90 -4.22 20.10
C ILE A 20 8.29 -4.88 19.83
N SER A 21 9.14 -4.97 20.86
CA SER A 21 10.48 -5.55 20.67
C SER A 21 10.38 -7.01 20.29
N ALA A 22 9.42 -7.72 20.89
CA ALA A 22 9.30 -9.17 20.62
C ALA A 22 9.01 -9.36 19.14
N ALA A 23 8.12 -8.52 18.62
CA ALA A 23 7.75 -8.59 17.21
C ALA A 23 8.88 -8.13 16.29
N ARG A 24 9.68 -7.17 16.73
CA ARG A 24 10.85 -6.75 15.95
C ARG A 24 11.80 -7.95 15.80
N TYR A 25 12.08 -8.63 16.91
CA TYR A 25 12.91 -9.81 16.82
C TYR A 25 12.33 -10.90 15.95
N LEU A 26 11.04 -11.16 16.11
CA LEU A 26 10.38 -12.19 15.33
C LEU A 26 10.50 -11.86 13.83
N ASN A 27 10.25 -10.62 13.47
CA ASN A 27 10.39 -10.19 12.10
C ASN A 27 11.76 -10.44 11.54
N ALA A 28 12.80 -10.10 12.31
CA ALA A 28 14.17 -10.31 11.87
C ALA A 28 14.47 -11.80 11.74
N TYR A 29 13.97 -12.62 12.66
CA TYR A 29 14.23 -14.04 12.55
C TYR A 29 13.59 -14.65 11.27
N LYS A 30 12.35 -14.25 10.99
CA LYS A 30 11.62 -14.74 9.82
C LYS A 30 12.26 -14.31 8.52
N THR A 31 12.79 -13.08 8.50
CA THR A 31 13.48 -12.52 7.33
C THR A 31 14.80 -13.21 7.00
N ALA A 32 15.63 -13.48 7.99
CA ALA A 32 16.97 -14.04 7.74
C ALA A 32 17.53 -14.72 8.99
N PRO A 33 17.07 -15.96 9.24
CA PRO A 33 17.50 -16.71 10.42
C PRO A 33 19.03 -16.85 10.52
N GLU A 34 19.74 -16.92 9.38
CA GLU A 34 21.21 -17.11 9.39
C GLU A 34 21.89 -15.85 9.95
N ARG A 35 21.39 -14.69 9.56
CA ARG A 35 21.93 -13.40 10.00
C ARG A 35 21.54 -13.04 11.46
N PHE A 36 20.41 -13.55 11.91
CA PHE A 36 19.81 -13.23 13.23
C PHE A 36 20.80 -13.47 14.37
N PRO A 37 20.86 -12.58 15.38
CA PRO A 37 20.06 -11.36 15.58
C PRO A 37 20.74 -10.11 15.03
N LEU A 38 21.81 -10.24 14.23
CA LEU A 38 22.51 -9.02 13.78
C LEU A 38 21.61 -8.12 12.90
N ASN A 39 20.65 -8.74 12.22
CA ASN A 39 19.76 -8.00 11.33
C ASN A 39 18.58 -7.36 12.08
N VAL A 40 18.52 -7.55 13.41
CA VAL A 40 17.51 -6.87 14.26
C VAL A 40 17.73 -5.36 14.29
N SER A 41 18.95 -4.92 14.04
CA SER A 41 19.25 -3.49 14.04
C SER A 41 18.23 -2.75 13.15
N PRO A 42 17.70 -1.62 13.62
CA PRO A 42 16.78 -0.84 12.80
C PRO A 42 17.49 -0.24 11.58
N ALA A 43 18.82 -0.14 11.60
CA ALA A 43 19.57 0.24 10.39
C ALA A 43 19.54 -0.86 9.30
N GLU A 44 19.30 -2.11 9.70
CA GLU A 44 19.29 -3.26 8.76
C GLU A 44 17.90 -3.69 8.36
N THR A 45 16.97 -3.73 9.33
CA THR A 45 15.61 -4.21 9.06
C THR A 45 14.62 -3.24 9.66
N PRO A 46 14.22 -2.22 8.89
CA PRO A 46 13.15 -1.34 9.40
C PRO A 46 11.83 -2.07 9.56
N THR A 47 11.16 -1.78 10.67
CA THR A 47 9.83 -2.29 10.91
C THR A 47 8.80 -1.21 10.62
N GLY A 48 7.52 -1.61 10.69
CA GLY A 48 6.43 -0.68 10.45
C GLY A 48 6.45 0.53 11.37
N PHE A 49 6.74 0.34 12.66
CA PHE A 49 6.81 1.50 13.56
C PHE A 49 8.01 2.42 13.28
N ASP A 50 9.10 1.84 12.82
CA ASP A 50 10.29 2.65 12.50
C ASP A 50 9.98 3.66 11.41
N ALA A 51 8.99 3.37 10.56
CA ALA A 51 8.58 4.29 9.47
C ALA A 51 7.96 5.60 9.99
N PHE A 52 7.42 5.59 11.20
CA PHE A 52 6.89 6.82 11.79
C PHE A 52 8.00 7.81 12.06
N SER A 53 7.79 9.05 11.67
CA SER A 53 8.87 10.03 11.82
C SER A 53 9.17 10.37 13.28
N SER A 54 8.16 10.35 14.17
CA SER A 54 8.43 10.66 15.59
C SER A 54 7.89 9.60 16.50
N ARG A 55 8.54 9.50 17.67
CA ARG A 55 8.10 8.62 18.74
C ARG A 55 8.37 9.22 20.09
N GLY A 56 7.54 8.87 21.06
CA GLY A 56 7.74 9.35 22.44
C GLY A 56 7.15 8.29 23.35
N SER A 57 6.79 8.72 24.56
CA SER A 57 6.22 7.79 25.52
C SER A 57 4.96 8.45 26.07
N MET A 58 4.07 7.61 26.57
CA MET A 58 2.76 8.10 26.97
C MET A 58 2.33 7.46 28.29
N THR A 59 1.88 8.28 29.23
CA THR A 59 1.32 7.78 30.50
C THR A 59 -0.13 7.35 30.31
N THR A 60 -0.51 6.25 30.97
CA THR A 60 -1.76 5.61 30.64
C THR A 60 -2.77 5.56 31.78
N PHE A 61 -2.44 6.06 32.96
CA PHE A 61 -3.32 5.94 34.12
C PHE A 61 -4.71 6.54 33.88
N PRO A 62 -5.73 6.01 34.57
CA PRO A 62 -7.12 6.52 34.54
C PRO A 62 -7.35 7.44 35.74
N ASP A 63 -8.53 8.09 35.75
CA ASP A 63 -9.03 8.77 36.94
C ASP A 63 -10.10 7.85 37.58
N ASP A 64 -9.61 6.84 38.29
CA ASP A 64 -10.45 5.83 38.91
C ASP A 64 -10.36 5.89 40.44
N PRO A 65 -11.45 5.53 41.13
CA PRO A 65 -11.40 5.62 42.60
C PRO A 65 -10.44 4.61 43.24
N TYR A 66 -10.18 3.50 42.56
CA TYR A 66 -9.38 2.41 43.16
C TYR A 66 -8.20 1.94 42.36
N GLU A 67 -8.34 1.92 41.03
CA GLU A 67 -7.31 1.29 40.20
C GLU A 67 -6.32 2.31 39.66
N THR A 68 -5.05 1.98 39.71
CA THR A 68 -4.03 2.90 39.22
C THR A 68 -3.69 2.58 37.79
N THR A 69 -4.04 1.37 37.35
CA THR A 69 -3.78 0.91 35.99
C THR A 69 -5.11 0.99 35.20
N THR A 70 -5.03 1.55 34.00
CA THR A 70 -6.20 1.77 33.17
C THR A 70 -6.77 0.47 32.57
N ASP A 71 -8.08 0.52 32.28
CA ASP A 71 -8.67 -0.39 31.33
C ASP A 71 -8.83 0.28 29.96
N SER A 72 -9.33 -0.45 28.96
N SER A 72 -9.36 -0.45 28.99
CA SER A 72 -9.38 0.11 27.63
CA SER A 72 -9.42 0.06 27.61
C SER A 72 -10.37 1.26 27.54
C SER A 72 -10.45 1.16 27.42
N ALA A 73 -11.49 1.14 28.26
CA ALA A 73 -12.58 2.13 28.20
C ALA A 73 -12.09 3.51 28.64
N ALA A 74 -11.40 3.56 29.76
CA ALA A 74 -10.84 4.82 30.26
C ALA A 74 -9.78 5.40 29.32
N ALA A 75 -8.91 4.54 28.80
CA ALA A 75 -7.85 4.99 27.91
C ALA A 75 -8.40 5.50 26.59
N ALA A 76 -9.39 4.78 26.02
CA ALA A 76 -9.99 5.23 24.77
C ALA A 76 -10.79 6.49 24.93
N THR A 77 -11.47 6.66 26.05
CA THR A 77 -12.14 7.94 26.30
C THR A 77 -11.09 9.06 26.33
N ALA A 78 -9.93 8.80 26.94
CA ALA A 78 -8.87 9.82 26.85
C ALA A 78 -8.41 10.08 25.40
N PHE A 79 -8.20 9.03 24.61
CA PHE A 79 -7.79 9.17 23.21
C PHE A 79 -8.82 9.93 22.37
N ALA A 80 -10.08 9.70 22.69
CA ALA A 80 -11.20 10.23 21.86
C ALA A 80 -11.66 11.59 22.27
N SER A 81 -11.52 11.91 23.57
CA SER A 81 -12.18 13.10 24.12
C SER A 81 -11.25 14.00 24.92
N GLY A 82 -10.06 13.49 25.23
CA GLY A 82 -9.04 14.36 25.83
C GLY A 82 -9.25 14.57 27.32
N VAL A 83 -9.99 13.66 27.96
CA VAL A 83 -10.24 13.76 29.40
C VAL A 83 -9.96 12.42 30.07
N LYS A 84 -9.52 12.49 31.33
CA LYS A 84 -9.33 11.26 32.11
C LYS A 84 -10.67 10.79 32.63
N THR A 85 -10.86 9.47 32.74
CA THR A 85 -12.10 8.97 33.31
C THR A 85 -11.93 7.71 34.15
N TYR A 86 -13.04 7.18 34.68
CA TYR A 86 -12.91 5.94 35.48
C TYR A 86 -12.86 4.70 34.63
N ASN A 87 -12.28 3.62 35.17
CA ASN A 87 -12.24 2.39 34.42
C ASN A 87 -13.65 1.86 34.15
N GLY A 88 -13.92 1.66 32.87
CA GLY A 88 -15.20 1.12 32.43
C GLY A 88 -16.07 2.18 31.76
N ALA A 89 -15.72 3.47 31.91
CA ALA A 89 -16.47 4.57 31.30
C ALA A 89 -16.26 4.65 29.77
N ILE A 90 -17.33 4.88 29.01
CA ILE A 90 -17.21 5.06 27.57
C ILE A 90 -17.76 6.46 27.20
N GLY A 91 -16.89 7.38 26.80
CA GLY A 91 -17.39 8.66 26.24
C GLY A 91 -18.02 9.56 27.29
N GLY A 92 -17.60 9.42 28.53
CA GLY A 92 -18.11 10.30 29.55
C GLY A 92 -17.29 10.24 30.82
N VAL A 93 -17.66 11.11 31.75
CA VAL A 93 -16.97 11.27 33.03
C VAL A 93 -17.99 11.24 34.16
N GLN A 94 -17.52 10.85 35.33
CA GLN A 94 -18.32 10.94 36.54
C GLN A 94 -18.05 12.30 37.17
N THR A 95 -19.08 13.14 37.27
CA THR A 95 -18.94 14.44 37.92
C THR A 95 -19.50 14.36 39.33
N SER A 96 -18.91 15.15 40.22
CA SER A 96 -19.31 15.16 41.62
C SER A 96 -20.64 15.88 41.76
N GLY A 97 -20.94 16.80 40.84
CA GLY A 97 -22.20 17.55 40.87
C GLY A 97 -23.39 16.86 40.19
N GLY A 98 -23.14 16.08 39.15
CA GLY A 98 -24.24 15.58 38.30
C GLY A 98 -24.13 14.19 37.73
N GLY A 99 -23.50 13.26 38.46
CA GLY A 99 -23.33 11.88 37.94
C GLY A 99 -22.60 11.81 36.59
N PHE A 100 -22.95 10.81 35.79
CA PHE A 100 -22.27 10.59 34.50
C PHE A 100 -22.63 11.68 33.52
N GLN A 101 -21.62 12.24 32.88
CA GLN A 101 -21.85 13.28 31.88
C GLN A 101 -21.14 12.90 30.61
N ARG A 102 -21.85 12.95 29.49
CA ARG A 102 -21.16 12.69 28.20
C ARG A 102 -20.15 13.75 27.84
N VAL A 103 -19.07 13.33 27.18
CA VAL A 103 -18.11 14.28 26.61
C VAL A 103 -18.04 14.10 25.09
N ASP A 104 -17.82 15.17 24.33
CA ASP A 104 -17.76 14.92 22.86
C ASP A 104 -16.50 14.20 22.45
N THR A 105 -16.56 13.56 21.29
CA THR A 105 -15.40 12.84 20.81
C THR A 105 -14.90 13.47 19.51
N VAL A 106 -13.64 13.19 19.18
CA VAL A 106 -13.03 13.73 17.96
C VAL A 106 -13.75 13.23 16.72
N LEU A 107 -14.24 12.00 16.78
CA LEU A 107 -15.00 11.45 15.68
C LEU A 107 -16.28 12.24 15.40
N GLU A 108 -17.03 12.54 16.46
CA GLU A 108 -18.27 13.27 16.30
C GLU A 108 -18.01 14.66 15.77
N ARG A 109 -16.98 15.30 16.31
CA ARG A 109 -16.66 16.65 15.84
C ARG A 109 -16.21 16.63 14.38
N ALA A 110 -15.39 15.65 14.01
CA ALA A 110 -14.93 15.55 12.61
C ALA A 110 -16.13 15.30 11.67
N SER A 111 -17.01 14.41 12.10
CA SER A 111 -18.24 14.20 11.32
C SER A 111 -19.05 15.51 11.12
N ALA A 112 -19.18 16.31 12.16
CA ALA A 112 -19.96 17.57 12.08
C ALA A 112 -19.36 18.54 11.07
N GLN A 113 -18.05 18.42 10.85
N GLN A 113 -18.05 18.43 10.84
CA GLN A 113 -17.34 19.26 9.89
CA GLN A 113 -17.35 19.28 9.88
C GLN A 113 -17.36 18.74 8.46
C GLN A 113 -17.17 18.65 8.48
N GLY A 114 -17.79 17.50 8.26
CA GLY A 114 -17.86 16.93 6.94
C GLY A 114 -16.81 15.88 6.60
N TYR A 115 -15.98 15.51 7.59
CA TYR A 115 -15.04 14.41 7.37
C TYR A 115 -15.82 13.11 7.40
N ALA A 116 -15.44 12.14 6.56
CA ALA A 116 -15.99 10.80 6.59
C ALA A 116 -15.34 10.19 7.85
N THR A 117 -15.99 9.21 8.45
CA THR A 117 -15.48 8.64 9.72
C THR A 117 -15.59 7.12 9.70
N GLY A 118 -14.62 6.45 10.31
CA GLY A 118 -14.69 5.00 10.35
C GLY A 118 -14.14 4.41 11.66
N LEU A 119 -14.58 3.20 11.95
CA LEU A 119 -14.07 2.39 13.04
C LEU A 119 -13.76 1.00 12.49
N ILE A 120 -12.53 0.53 12.71
CA ILE A 120 -12.10 -0.77 12.21
C ILE A 120 -11.34 -1.51 13.33
N THR A 121 -11.79 -2.70 13.66
CA THR A 121 -11.14 -3.42 14.76
C THR A 121 -11.19 -4.94 14.57
N THR A 122 -10.25 -5.63 15.19
CA THR A 122 -10.29 -7.09 15.27
C THR A 122 -11.11 -7.61 16.46
N THR A 123 -11.60 -6.72 17.32
CA THR A 123 -12.43 -7.17 18.46
C THR A 123 -13.91 -7.05 18.04
N GLU A 124 -14.81 -7.44 18.93
CA GLU A 124 -16.24 -7.08 18.81
C GLU A 124 -16.34 -5.59 18.39
N ALA A 125 -17.22 -5.25 17.45
CA ALA A 125 -17.33 -3.85 17.00
C ALA A 125 -17.70 -2.87 18.12
N THR A 126 -18.38 -3.37 19.16
CA THR A 126 -18.87 -2.53 20.26
C THR A 126 -17.99 -2.60 21.49
N HIS A 127 -16.80 -3.16 21.33
CA HIS A 127 -15.86 -3.28 22.45
C HIS A 127 -15.35 -1.88 22.79
N ALA A 128 -14.64 -1.74 23.91
CA ALA A 128 -14.46 -0.41 24.56
C ALA A 128 -13.68 0.53 23.69
N THR A 129 -12.66 0.02 22.99
CA THR A 129 -11.81 0.93 22.20
C THR A 129 -12.54 1.72 21.12
N PRO A 130 -13.20 1.03 20.17
CA PRO A 130 -13.95 1.83 19.21
C PRO A 130 -15.15 2.53 19.84
N ALA A 131 -15.77 1.94 20.86
CA ALA A 131 -16.98 2.51 21.44
C ALA A 131 -16.75 3.92 21.95
N ALA A 132 -15.58 4.19 22.53
CA ALA A 132 -15.34 5.51 23.08
C ALA A 132 -15.32 6.57 22.00
N PHE A 133 -15.08 6.20 20.73
CA PHE A 133 -15.10 7.22 19.70
C PHE A 133 -16.49 7.52 19.17
N ALA A 134 -17.47 6.64 19.43
CA ALA A 134 -18.78 6.79 18.74
C ALA A 134 -19.97 6.49 19.61
N ALA A 135 -19.76 6.37 20.92
CA ALA A 135 -20.89 6.12 21.83
C ALA A 135 -20.59 6.66 23.21
N HIS A 136 -21.61 6.67 24.06
CA HIS A 136 -21.51 7.22 25.41
C HIS A 136 -22.31 6.37 26.36
N VAL A 137 -21.63 5.64 27.23
CA VAL A 137 -22.32 4.80 28.21
C VAL A 137 -21.56 4.78 29.53
N GLU A 138 -22.30 4.68 30.64
CA GLU A 138 -21.65 4.72 31.95
C GLU A 138 -20.88 3.41 32.18
N ASP A 139 -21.31 2.34 31.52
CA ASP A 139 -20.69 0.99 31.69
C ASP A 139 -20.35 0.37 30.34
N ARG A 140 -19.08 0.01 30.13
CA ARG A 140 -18.60 -0.53 28.86
C ARG A 140 -19.30 -1.84 28.49
N GLY A 141 -19.88 -2.51 29.49
CA GLY A 141 -20.57 -3.75 29.24
C GLY A 141 -21.91 -3.62 28.53
N ASN A 142 -22.42 -2.40 28.39
CA ASN A 142 -23.75 -2.15 27.75
C ASN A 142 -23.58 -2.09 26.24
N GLN A 143 -23.28 -3.25 25.65
CA GLN A 143 -22.87 -3.28 24.23
C GLN A 143 -24.02 -3.14 23.22
N THR A 144 -25.22 -3.48 23.64
CA THR A 144 -26.36 -3.23 22.80
C THR A 144 -26.71 -1.74 22.76
N GLU A 145 -26.49 -1.00 23.83
CA GLU A 145 -26.69 0.47 23.76
C GLU A 145 -25.59 1.12 22.92
N ILE A 146 -24.38 0.57 23.01
CA ILE A 146 -23.32 1.09 22.14
C ILE A 146 -23.68 0.86 20.66
N ALA A 147 -24.09 -0.35 20.31
CA ALA A 147 -24.57 -0.63 18.96
C ALA A 147 -25.71 0.30 18.52
N ARG A 148 -26.66 0.59 19.42
CA ARG A 148 -27.77 1.48 19.08
C ARG A 148 -27.22 2.86 18.76
N GLN A 149 -26.27 3.36 19.57
CA GLN A 149 -25.71 4.68 19.27
C GLN A 149 -24.91 4.71 17.96
N TYR A 150 -24.15 3.64 17.67
CA TYR A 150 -23.45 3.59 16.36
C TYR A 150 -24.44 3.81 15.21
N ILE A 151 -25.54 3.06 15.25
CA ILE A 151 -26.48 2.99 14.11
C ILE A 151 -27.48 4.14 14.05
N GLU A 152 -27.98 4.55 15.21
CA GLU A 152 -29.03 5.53 15.29
C GLU A 152 -28.53 6.92 15.56
N GLU A 153 -27.32 7.05 16.07
CA GLU A 153 -26.88 8.40 16.53
C GLU A 153 -25.63 8.89 15.80
N THR A 154 -24.54 8.18 15.95
CA THR A 154 -23.29 8.63 15.42
C THR A 154 -23.11 8.35 13.92
N GLN A 155 -23.54 7.15 13.55
CA GLN A 155 -23.50 6.68 12.16
C GLN A 155 -22.15 6.86 11.43
N PRO A 156 -21.07 6.23 11.93
CA PRO A 156 -19.79 6.22 11.16
C PRO A 156 -20.03 5.60 9.78
N ASP A 157 -19.37 6.12 8.76
CA ASP A 157 -19.44 5.58 7.40
C ASP A 157 -18.92 4.16 7.25
N VAL A 158 -17.98 3.75 8.10
CA VAL A 158 -17.46 2.39 8.03
C VAL A 158 -17.40 1.93 9.47
N ILE A 159 -17.93 0.74 9.69
CA ILE A 159 -17.82 0.04 10.97
C ILE A 159 -17.42 -1.40 10.67
N LEU A 160 -16.21 -1.82 11.07
CA LEU A 160 -15.74 -3.17 10.76
C LEU A 160 -15.25 -3.82 12.03
N GLY A 161 -15.84 -4.97 12.41
CA GLY A 161 -15.35 -5.67 13.60
C GLY A 161 -16.09 -6.97 13.73
N GLY A 162 -16.24 -7.43 14.97
CA GLY A 162 -16.95 -8.70 15.23
C GLY A 162 -18.30 -8.54 15.92
N GLN A 163 -18.95 -9.69 16.17
CA GLN A 163 -20.15 -9.78 17.01
C GLN A 163 -21.46 -9.16 16.47
N ARG A 164 -21.97 -9.84 15.46
CA ARG A 164 -23.25 -9.50 14.88
C ARG A 164 -24.36 -9.51 15.93
N ARG A 165 -24.25 -10.40 16.92
CA ARG A 165 -25.25 -10.52 18.00
C ARG A 165 -25.66 -9.17 18.60
N ASP A 166 -24.70 -8.25 18.83
CA ASP A 166 -25.04 -6.92 19.37
C ASP A 166 -26.03 -6.16 18.50
N PHE A 167 -25.92 -6.37 17.19
CA PHE A 167 -26.72 -5.59 16.26
C PHE A 167 -28.06 -6.30 15.98
N GLU A 168 -28.25 -7.46 16.60
CA GLU A 168 -29.53 -8.13 16.47
C GLU A 168 -30.47 -7.68 17.60
N ALA A 169 -30.00 -6.80 18.47
CA ALA A 169 -30.87 -6.18 19.45
C ALA A 169 -31.92 -5.33 18.74
N ASP A 170 -33.02 -5.07 19.44
CA ASP A 170 -34.08 -4.15 18.98
C ASP A 170 -33.62 -2.72 18.66
N ALA A 171 -34.01 -2.22 17.50
CA ALA A 171 -33.89 -0.79 17.21
C ALA A 171 -35.00 0.00 17.91
N SER A 172 -34.90 1.33 17.89
CA SER A 172 -35.92 2.17 18.54
C SER A 172 -37.30 2.03 17.86
N ASN A 173 -37.30 1.76 16.56
CA ASN A 173 -38.47 1.19 15.88
C ASN A 173 -38.14 0.02 14.93
N GLY A 174 -39.19 -0.68 14.50
CA GLY A 174 -39.06 -1.72 13.49
C GLY A 174 -38.34 -2.94 14.04
N GLY A 175 -37.36 -3.40 13.29
CA GLY A 175 -36.74 -4.64 13.63
C GLY A 175 -35.51 -4.41 14.48
N THR A 176 -34.44 -5.02 14.02
CA THR A 176 -33.20 -5.05 14.74
C THR A 176 -32.34 -3.88 14.28
N LEU A 177 -31.16 -3.75 14.91
CA LEU A 177 -30.27 -2.69 14.51
C LEU A 177 -29.64 -2.94 13.15
N VAL A 178 -29.49 -4.20 12.74
CA VAL A 178 -29.11 -4.52 11.33
C VAL A 178 -30.17 -3.95 10.37
N ASP A 179 -31.46 -4.14 10.69
CA ASP A 179 -32.49 -3.52 9.90
C ASP A 179 -32.37 -2.00 9.86
N ALA A 180 -32.20 -1.38 11.03
CA ALA A 180 -31.98 0.06 11.11
C ALA A 180 -30.77 0.51 10.27
N ALA A 181 -29.72 -0.28 10.28
CA ALA A 181 -28.51 0.05 9.51
C ALA A 181 -28.83 0.00 8.00
N ARG A 182 -29.47 -1.07 7.56
CA ARG A 182 -29.86 -1.12 6.16
C ARG A 182 -30.80 0.06 5.78
N ASP A 183 -31.71 0.42 6.67
CA ASP A 183 -32.61 1.60 6.47
C ASP A 183 -31.80 2.88 6.19
N ASN A 184 -30.62 2.99 6.83
CA ASN A 184 -29.79 4.18 6.69
C ASN A 184 -28.79 4.08 5.53
N GLY A 185 -28.85 2.97 4.80
CA GLY A 185 -28.06 2.83 3.61
C GLY A 185 -26.87 1.92 3.75
N TYR A 186 -26.68 1.35 4.93
CA TYR A 186 -25.54 0.43 5.13
C TYR A 186 -25.68 -0.89 4.36
N THR A 187 -24.58 -1.31 3.76
CA THR A 187 -24.42 -2.72 3.35
C THR A 187 -23.83 -3.49 4.52
N ILE A 188 -24.35 -4.68 4.73
CA ILE A 188 -23.83 -5.60 5.76
C ILE A 188 -22.87 -6.60 5.15
N ALA A 189 -21.65 -6.71 5.68
CA ALA A 189 -20.68 -7.71 5.18
C ALA A 189 -20.33 -8.68 6.32
N GLU A 190 -20.34 -9.99 6.04
CA GLU A 190 -20.14 -10.99 7.10
C GLU A 190 -18.92 -11.87 6.87
N THR A 191 -18.29 -11.78 5.71
CA THR A 191 -17.07 -12.54 5.41
C THR A 191 -16.13 -11.62 4.66
N ALA A 192 -14.88 -12.03 4.54
CA ALA A 192 -13.89 -11.33 3.70
C ALA A 192 -14.39 -11.14 2.26
N ALA A 193 -14.98 -12.19 1.69
CA ALA A 193 -15.50 -12.11 0.31
C ALA A 193 -16.57 -11.04 0.19
N GLU A 194 -17.49 -11.03 1.14
CA GLU A 194 -18.58 -10.02 1.11
C GLU A 194 -18.06 -8.61 1.28
N LEU A 195 -17.06 -8.42 2.15
CA LEU A 195 -16.40 -7.13 2.24
C LEU A 195 -15.80 -6.65 0.92
N ASP A 196 -15.09 -7.54 0.23
CA ASP A 196 -14.46 -7.17 -1.04
C ASP A 196 -15.57 -6.80 -2.06
N ALA A 197 -16.74 -7.42 -1.93
CA ALA A 197 -17.88 -7.19 -2.86
C ALA A 197 -18.59 -5.85 -2.64
N VAL A 198 -18.33 -5.19 -1.51
CA VAL A 198 -19.01 -3.92 -1.20
C VAL A 198 -18.62 -2.90 -2.25
N ASP A 199 -19.61 -2.21 -2.82
CA ASP A 199 -19.33 -1.25 -3.89
C ASP A 199 -19.44 0.21 -3.44
N ASP A 200 -20.17 0.47 -2.37
CA ASP A 200 -20.35 1.86 -1.88
C ASP A 200 -20.52 1.89 -0.37
N PRO A 201 -19.97 2.93 0.27
CA PRO A 201 -20.25 3.10 1.68
C PRO A 201 -21.70 3.61 1.87
N PRO A 202 -22.28 3.56 3.09
CA PRO A 202 -21.66 3.09 4.36
C PRO A 202 -21.64 1.58 4.48
N VAL A 203 -20.74 1.04 5.32
CA VAL A 203 -20.65 -0.41 5.46
C VAL A 203 -20.61 -0.78 6.94
N LEU A 204 -21.33 -1.85 7.28
CA LEU A 204 -21.28 -2.42 8.62
C LEU A 204 -20.76 -3.83 8.41
N GLY A 205 -19.51 -4.05 8.77
CA GLY A 205 -18.91 -5.38 8.62
C GLY A 205 -18.90 -6.08 9.97
N LEU A 206 -19.57 -7.22 10.07
CA LEU A 206 -19.58 -7.98 11.30
C LEU A 206 -19.18 -9.42 11.00
N PHE A 207 -17.92 -9.73 11.32
CA PHE A 207 -17.26 -10.96 10.81
C PHE A 207 -17.29 -12.19 11.73
N SER A 208 -17.92 -12.05 12.88
CA SER A 208 -18.22 -13.18 13.77
C SER A 208 -19.63 -13.01 14.29
N GLN A 209 -20.30 -14.13 14.59
CA GLN A 209 -21.63 -14.02 15.19
C GLN A 209 -21.52 -13.54 16.65
N GLU A 210 -20.59 -14.14 17.39
CA GLU A 210 -20.37 -13.69 18.74
C GLU A 210 -18.87 -13.53 18.95
N SER A 211 -18.53 -12.66 19.88
CA SER A 211 -17.15 -12.41 20.29
C SER A 211 -16.24 -11.84 19.18
N HIS A 212 -14.92 -11.93 19.40
CA HIS A 212 -13.94 -11.23 18.56
C HIS A 212 -13.64 -11.96 17.28
N LEU A 213 -12.92 -11.32 16.36
CA LEU A 213 -12.40 -12.06 15.19
C LEU A 213 -11.34 -13.01 15.74
N ASP A 214 -11.02 -14.06 14.98
CA ASP A 214 -9.98 -14.96 15.43
C ASP A 214 -8.64 -14.25 15.53
N TYR A 215 -7.75 -14.85 16.34
CA TYR A 215 -6.39 -14.36 16.39
C TYR A 215 -5.70 -14.48 15.02
N TYR A 216 -4.69 -13.63 14.79
CA TYR A 216 -4.01 -13.52 13.50
C TYR A 216 -3.50 -14.88 13.01
N LEU A 217 -2.85 -15.65 13.87
CA LEU A 217 -2.34 -16.94 13.37
C LEU A 217 -3.46 -17.86 12.87
N ASP A 218 -4.62 -17.75 13.50
CA ASP A 218 -5.70 -18.66 13.15
C ASP A 218 -6.41 -18.17 11.90
N ARG A 219 -6.61 -16.86 11.78
CA ARG A 219 -7.10 -16.31 10.50
C ARG A 219 -6.20 -16.67 9.34
N LYS A 220 -4.90 -16.56 9.54
CA LYS A 220 -3.95 -16.81 8.48
C LYS A 220 -3.90 -18.31 8.09
N ASN A 221 -4.02 -19.21 9.05
CA ASN A 221 -3.67 -20.59 8.83
C ASN A 221 -4.85 -21.58 8.83
N ASP A 222 -6.00 -21.17 9.34
CA ASP A 222 -7.16 -22.05 9.37
C ASP A 222 -7.91 -21.97 8.03
N PRO A 223 -7.92 -23.07 7.24
CA PRO A 223 -8.53 -22.97 5.90
C PRO A 223 -10.03 -22.66 5.92
N GLU A 224 -10.71 -22.95 7.02
CA GLU A 224 -12.13 -22.68 7.21
C GLU A 224 -12.45 -21.24 7.61
N ASN A 225 -11.43 -20.45 7.88
CA ASN A 225 -11.73 -19.11 8.39
C ASN A 225 -12.14 -18.21 7.21
N THR A 226 -13.18 -17.39 7.42
CA THR A 226 -13.76 -16.54 6.39
C THR A 226 -13.62 -15.06 6.78
N GLN A 227 -12.81 -14.78 7.80
CA GLN A 227 -12.66 -13.39 8.22
C GLN A 227 -11.53 -12.66 7.49
N PRO A 228 -11.71 -11.35 7.24
CA PRO A 228 -10.63 -10.58 6.66
C PRO A 228 -9.48 -10.33 7.66
N ASN A 229 -8.27 -10.14 7.14
CA ASN A 229 -7.18 -9.75 8.06
C ASN A 229 -7.22 -8.24 8.24
N LEU A 230 -6.47 -7.73 9.23
CA LEU A 230 -6.48 -6.32 9.48
C LEU A 230 -6.00 -5.51 8.29
N ASP A 231 -5.01 -6.01 7.55
CA ASP A 231 -4.52 -5.24 6.39
C ASP A 231 -5.65 -5.07 5.37
N ALA A 232 -6.46 -6.11 5.16
CA ALA A 232 -7.54 -6.06 4.19
C ALA A 232 -8.67 -5.15 4.64
N MET A 233 -8.99 -5.19 5.94
CA MET A 233 -10.02 -4.29 6.46
C MET A 233 -9.56 -2.85 6.32
N VAL A 234 -8.28 -2.57 6.62
CA VAL A 234 -7.81 -1.19 6.53
C VAL A 234 -7.87 -0.73 5.05
N ASP A 235 -7.44 -1.61 4.15
CA ASP A 235 -7.40 -1.26 2.73
C ASP A 235 -8.80 -0.94 2.20
N ALA A 236 -9.76 -1.80 2.55
CA ALA A 236 -11.19 -1.60 2.17
C ALA A 236 -11.72 -0.32 2.80
N GLY A 237 -11.44 -0.15 4.09
CA GLY A 237 -11.93 1.02 4.84
C GLY A 237 -11.40 2.32 4.29
N VAL A 238 -10.10 2.38 4.02
CA VAL A 238 -9.55 3.62 3.53
C VAL A 238 -10.15 3.95 2.14
N ASP A 239 -10.31 2.94 1.29
CA ASP A 239 -10.90 3.24 -0.03
C ASP A 239 -12.32 3.78 0.12
N LEU A 240 -13.11 3.17 1.01
CA LEU A 240 -14.51 3.60 1.17
C LEU A 240 -14.63 4.99 1.80
N LEU A 241 -13.66 5.37 2.63
CA LEU A 241 -13.71 6.64 3.35
C LEU A 241 -13.19 7.79 2.50
N SER A 242 -12.55 7.46 1.40
CA SER A 242 -11.81 8.42 0.57
C SER A 242 -12.48 8.62 -0.80
N SER A 243 -12.86 9.85 -1.08
CA SER A 243 -13.61 10.15 -2.32
C SER A 243 -13.21 11.53 -2.78
N ALA A 244 -13.30 11.76 -4.09
CA ALA A 244 -13.15 13.10 -4.65
C ALA A 244 -14.18 14.06 -4.03
N GLY A 245 -13.83 15.32 -3.95
CA GLY A 245 -14.71 16.27 -3.28
C GLY A 245 -13.76 17.16 -2.52
N ASP A 246 -13.85 17.14 -1.20
CA ASP A 246 -12.90 17.82 -0.25
C ASP A 246 -12.27 18.98 -0.95
N PRO A 247 -10.94 18.96 -1.20
CA PRO A 247 -9.79 18.13 -0.81
C PRO A 247 -9.32 18.36 0.63
N ASP A 248 -9.83 19.37 1.32
CA ASP A 248 -9.43 19.56 2.74
C ASP A 248 -10.17 18.64 3.75
N LYS A 249 -11.24 17.99 3.31
CA LYS A 249 -12.03 17.12 4.18
C LYS A 249 -11.90 15.71 3.69
N GLY A 250 -11.03 14.95 4.33
CA GLY A 250 -10.87 13.57 3.96
C GLY A 250 -11.66 12.75 4.95
N PHE A 251 -10.96 12.09 5.84
CA PHE A 251 -11.61 11.21 6.82
C PHE A 251 -10.88 11.17 8.14
N PHE A 252 -11.63 10.83 9.19
CA PHE A 252 -11.02 10.42 10.45
C PHE A 252 -11.24 8.90 10.59
N LEU A 253 -10.20 8.16 10.96
CA LEU A 253 -10.36 6.70 11.08
C LEU A 253 -9.73 6.21 12.39
N LEU A 254 -10.48 5.40 13.13
N LEU A 254 -10.46 5.37 13.12
CA LEU A 254 -9.92 4.62 14.24
CA LEU A 254 -9.93 4.66 14.31
C LEU A 254 -9.63 3.25 13.67
C LEU A 254 -9.68 3.22 13.87
N VAL A 255 -8.41 2.78 13.88
CA VAL A 255 -8.05 1.39 13.55
C VAL A 255 -7.54 0.79 14.84
N GLU A 256 -7.99 -0.42 15.15
CA GLU A 256 -7.51 -1.10 16.38
C GLU A 256 -7.06 -2.52 16.06
N SER A 257 -5.82 -2.86 16.43
CA SER A 257 -5.46 -4.28 16.57
C SER A 257 -5.74 -4.62 18.04
N GLY A 258 -6.85 -5.31 18.31
CA GLY A 258 -7.38 -5.33 19.66
C GLY A 258 -7.02 -6.59 20.43
N ARG A 259 -6.45 -7.58 19.76
CA ARG A 259 -6.29 -8.89 20.43
C ARG A 259 -4.86 -9.18 20.94
N VAL A 260 -3.95 -8.24 20.76
CA VAL A 260 -2.71 -8.32 21.52
C VAL A 260 -3.04 -8.39 23.04
N ASP A 261 -3.98 -7.56 23.46
CA ASP A 261 -4.50 -7.55 24.82
C ASP A 261 -5.05 -8.92 25.24
N HIS A 262 -5.85 -9.52 24.37
CA HIS A 262 -6.46 -10.79 24.71
C HIS A 262 -5.47 -11.90 24.92
N ALA A 263 -4.46 -11.91 24.06
CA ALA A 263 -3.40 -12.88 24.22
C ALA A 263 -2.63 -12.62 25.52
N GLY A 264 -2.50 -11.36 25.91
CA GLY A 264 -1.82 -11.07 27.18
C GLY A 264 -2.60 -11.59 28.36
N HIS A 265 -3.92 -11.37 28.37
CA HIS A 265 -4.76 -11.85 29.49
C HIS A 265 -4.67 -13.36 29.63
N ALA A 266 -4.64 -14.03 28.49
CA ALA A 266 -4.56 -15.51 28.42
C ALA A 266 -3.14 -16.07 28.66
N ASN A 267 -2.12 -15.18 28.67
CA ASN A 267 -0.70 -15.54 28.69
C ASN A 267 -0.38 -16.50 27.54
N TYR A 268 -0.83 -16.12 26.35
CA TYR A 268 -0.58 -16.91 25.13
C TYR A 268 0.63 -16.37 24.41
N PRO A 269 1.63 -17.22 24.09
CA PRO A 269 2.81 -16.72 23.38
C PRO A 269 2.48 -16.15 22.01
N ALA A 270 1.31 -16.50 21.47
CA ALA A 270 0.88 -15.91 20.21
C ALA A 270 0.66 -14.39 20.32
N GLN A 271 0.77 -13.81 21.51
CA GLN A 271 0.71 -12.33 21.61
C GLN A 271 1.79 -11.75 20.68
N VAL A 272 2.93 -12.44 20.57
CA VAL A 272 4.02 -11.90 19.75
C VAL A 272 3.64 -11.85 18.27
N ALA A 273 3.09 -12.95 17.76
CA ALA A 273 2.61 -12.98 16.36
C ALA A 273 1.48 -11.98 16.11
N GLU A 274 0.60 -11.80 17.11
CA GLU A 274 -0.48 -10.81 16.95
C GLU A 274 0.15 -9.42 16.81
N GLN A 275 1.18 -9.18 17.63
CA GLN A 275 1.88 -7.89 17.58
C GLN A 275 2.59 -7.76 16.22
N TYR A 276 3.08 -8.87 15.68
CA TYR A 276 3.76 -8.83 14.36
C TYR A 276 2.81 -8.32 13.28
N GLU A 277 1.59 -8.86 13.27
CA GLU A 277 0.56 -8.35 12.34
C GLU A 277 0.29 -6.85 12.60
N ALA A 278 0.18 -6.48 13.88
CA ALA A 278 -0.07 -5.08 14.23
C ALA A 278 1.02 -4.12 13.75
N THR A 279 2.27 -4.55 13.87
CA THR A 279 3.36 -3.69 13.40
C THR A 279 3.35 -3.60 11.89
N GLN A 280 3.00 -4.69 11.21
CA GLN A 280 2.92 -4.61 9.75
C GLN A 280 1.85 -3.58 9.32
N VAL A 281 0.73 -3.60 10.03
CA VAL A 281 -0.33 -2.67 9.70
C VAL A 281 0.14 -1.24 9.98
N ALA A 282 0.95 -1.02 11.03
CA ALA A 282 1.50 0.31 11.23
C ALA A 282 2.29 0.82 10.00
N GLY A 283 3.13 -0.06 9.43
CA GLY A 283 3.85 0.23 8.18
C GLY A 283 2.93 0.57 7.01
N GLN A 284 1.86 -0.18 6.89
CA GLN A 284 0.85 0.03 5.83
C GLN A 284 0.27 1.43 5.97
N LEU A 285 -0.02 1.82 7.20
CA LEU A 285 -0.62 3.13 7.43
C LEU A 285 0.34 4.27 7.08
N VAL A 286 1.63 4.11 7.42
CA VAL A 286 2.61 5.13 7.01
C VAL A 286 2.71 5.20 5.47
N GLU A 287 2.79 4.05 4.83
CA GLU A 287 2.80 3.98 3.36
C GLU A 287 1.61 4.74 2.77
N TYR A 288 0.42 4.55 3.35
CA TYR A 288 -0.75 5.26 2.88
C TYR A 288 -0.60 6.78 3.09
N ALA A 289 -0.21 7.17 4.30
CA ALA A 289 -0.06 8.57 4.66
C ALA A 289 0.85 9.30 3.69
N GLU A 290 1.87 8.62 3.17
CA GLU A 290 2.84 9.23 2.26
C GLU A 290 2.33 9.38 0.81
N THR A 291 1.31 8.64 0.48
CA THR A 291 0.74 8.61 -0.86
C THR A 291 -0.32 9.67 -1.06
N THR A 292 -0.95 10.16 0.02
CA THR A 292 -2.13 11.01 -0.13
C THR A 292 -1.82 12.37 -0.76
N ALA A 293 -2.79 12.87 -1.54
CA ALA A 293 -2.71 14.19 -2.17
C ALA A 293 -2.55 15.28 -1.13
N GLU A 294 -3.38 15.22 -0.09
CA GLU A 294 -3.35 16.22 0.95
C GLU A 294 -2.72 15.55 2.17
N PRO A 295 -2.27 16.35 3.15
CA PRO A 295 -1.57 15.72 4.25
C PRO A 295 -2.44 14.80 5.12
N THR A 296 -1.80 13.77 5.67
CA THR A 296 -2.44 12.80 6.53
C THR A 296 -1.65 12.79 7.85
N PHE A 297 -2.37 12.88 8.94
CA PHE A 297 -1.76 12.82 10.27
C PHE A 297 -2.03 11.41 10.82
N LEU A 298 -1.00 10.76 11.37
CA LEU A 298 -1.19 9.46 11.96
C LEU A 298 -0.65 9.50 13.37
N VAL A 299 -1.35 8.84 14.30
CA VAL A 299 -0.83 8.72 15.66
C VAL A 299 -1.14 7.28 16.09
N SER A 300 -0.17 6.62 16.71
CA SER A 300 -0.36 5.23 17.06
C SER A 300 0.21 5.01 18.45
N THR A 301 -0.50 4.21 19.24
CA THR A 301 -0.02 3.94 20.61
C THR A 301 -0.70 2.69 21.18
N GLY A 302 -0.28 2.26 22.36
CA GLY A 302 -1.01 1.21 23.05
C GLY A 302 -1.88 1.89 24.09
N ASP A 303 -2.98 1.27 24.43
CA ASP A 303 -3.79 1.84 25.51
C ASP A 303 -3.15 1.59 26.90
N HIS A 304 -2.39 0.49 27.02
CA HIS A 304 -1.70 0.03 28.25
C HIS A 304 -1.00 -1.23 27.82
N GLU A 305 -0.11 -1.73 28.67
CA GLU A 305 0.55 -3.05 28.42
C GLU A 305 -0.33 -4.14 29.05
N CYS A 306 -0.33 -5.33 28.46
CA CYS A 306 -1.09 -6.40 29.08
C CYS A 306 -0.29 -7.68 29.21
N GLY A 307 -0.32 -8.27 30.41
CA GLY A 307 0.27 -9.59 30.64
C GLY A 307 1.60 -9.57 31.39
N GLY A 308 2.28 -8.42 31.41
CA GLY A 308 3.60 -8.37 32.02
C GLY A 308 4.55 -9.26 31.24
N LEU A 309 4.48 -9.18 29.91
CA LEU A 309 5.39 -9.92 29.05
C LEU A 309 6.84 -9.53 29.24
N THR A 310 7.72 -10.54 29.33
CA THR A 310 9.15 -10.29 29.40
C THR A 310 9.87 -11.20 28.41
N LEU A 311 10.94 -10.67 27.84
CA LEU A 311 11.73 -11.37 26.84
C LEU A 311 12.91 -12.07 27.53
N GLY A 312 12.58 -13.14 28.23
CA GLY A 312 13.50 -13.86 29.12
C GLY A 312 12.61 -14.49 30.18
N ARG A 313 13.07 -15.59 30.74
CA ARG A 313 12.24 -16.36 31.66
C ARG A 313 13.21 -17.04 32.63
N ASP A 314 13.03 -16.79 33.93
CA ASP A 314 13.81 -17.41 35.03
C ASP A 314 15.27 -17.00 35.17
N SER A 315 16.09 -17.22 34.13
CA SER A 315 17.50 -16.95 34.25
C SER A 315 18.25 -16.70 32.91
N PRO A 316 18.04 -17.56 31.87
CA PRO A 316 18.99 -17.42 30.73
C PRO A 316 18.92 -16.13 29.91
N TYR A 317 20.04 -15.78 29.28
CA TYR A 317 20.09 -14.60 28.39
C TYR A 317 19.78 -15.03 26.95
N GLU A 318 18.71 -15.82 26.80
CA GLU A 318 18.38 -16.38 25.48
C GLU A 318 16.85 -16.42 25.35
N VAL A 319 16.35 -16.04 24.18
CA VAL A 319 14.96 -16.33 23.78
C VAL A 319 15.04 -17.19 22.52
N GLU A 320 14.13 -18.14 22.36
CA GLU A 320 14.15 -19.07 21.22
C GLU A 320 13.08 -18.63 20.23
N TYR A 321 13.44 -17.68 19.37
CA TYR A 321 12.47 -17.11 18.45
C TYR A 321 11.95 -18.08 17.42
N ASP A 322 12.67 -19.18 17.20
CA ASP A 322 12.19 -20.18 16.23
C ASP A 322 10.88 -20.82 16.69
N VAL A 323 10.68 -20.89 18.00
CA VAL A 323 9.45 -21.50 18.54
C VAL A 323 8.26 -20.62 18.13
N LEU A 324 8.47 -19.30 18.21
CA LEU A 324 7.39 -18.37 17.90
C LEU A 324 7.21 -18.27 16.39
N ALA A 325 8.31 -18.28 15.66
CA ALA A 325 8.25 -18.22 14.19
C ALA A 325 7.53 -19.42 13.58
N ALA A 326 7.69 -20.60 14.18
CA ALA A 326 7.14 -21.82 13.60
C ALA A 326 5.69 -22.08 14.03
N GLN A 327 5.17 -21.29 14.97
CA GLN A 327 3.82 -21.52 15.49
C GLN A 327 2.79 -21.11 14.45
N LYS A 328 1.92 -22.03 14.06
CA LYS A 328 0.91 -21.77 13.02
C LYS A 328 -0.50 -21.69 13.56
N ALA A 329 -0.68 -22.03 14.82
CA ALA A 329 -2.01 -21.98 15.46
C ALA A 329 -1.84 -21.47 16.88
N THR A 330 -2.77 -20.62 17.34
CA THR A 330 -2.74 -20.17 18.73
C THR A 330 -3.23 -21.31 19.66
N THR A 331 -3.00 -21.12 20.95
CA THR A 331 -3.54 -22.02 21.96
C THR A 331 -5.07 -22.16 21.85
N SER A 332 -5.76 -21.08 21.47
CA SER A 332 -7.22 -21.15 21.36
C SER A 332 -7.63 -22.21 20.32
N ARG A 333 -6.95 -22.24 19.17
CA ARG A 333 -7.27 -23.19 18.11
C ARG A 333 -6.75 -24.59 18.49
N LEU A 334 -5.58 -24.62 19.09
CA LEU A 334 -4.96 -25.91 19.46
C LEU A 334 -5.79 -26.64 20.50
N ARG A 335 -6.41 -25.91 21.41
CA ARG A 335 -7.36 -26.53 22.36
C ARG A 335 -8.44 -27.29 21.61
N ASP A 336 -8.96 -26.71 20.54
CA ASP A 336 -10.00 -27.42 19.78
C ASP A 336 -9.41 -28.64 19.05
N LEU A 337 -8.24 -28.48 18.46
CA LEU A 337 -7.63 -29.52 17.67
C LEU A 337 -7.26 -30.73 18.53
N LEU A 338 -6.87 -30.47 19.78
CA LEU A 338 -6.36 -31.53 20.67
C LEU A 338 -7.44 -32.14 21.56
N ALA A 339 -8.58 -31.49 21.64
CA ALA A 339 -9.71 -31.93 22.51
C ALA A 339 -10.04 -33.41 22.29
N GLY A 340 -10.01 -34.17 23.36
CA GLY A 340 -10.42 -35.58 23.32
C GLY A 340 -9.43 -36.54 22.69
N VAL A 341 -8.24 -36.06 22.33
CA VAL A 341 -7.20 -36.90 21.77
C VAL A 341 -6.41 -37.45 22.94
N ARG A 342 -6.18 -38.76 22.95
CA ARG A 342 -5.51 -39.41 24.08
C ARG A 342 -4.19 -40.02 23.69
N SER A 343 -4.11 -40.53 22.48
CA SER A 343 -2.92 -41.22 21.98
C SER A 343 -1.74 -40.27 21.86
N ALA A 344 -0.57 -40.71 22.34
CA ALA A 344 0.67 -39.92 22.28
C ALA A 344 1.06 -39.59 20.84
N ASP A 345 0.99 -40.60 19.97
CA ASP A 345 1.32 -40.39 18.57
C ASP A 345 0.40 -39.36 17.92
N GLU A 346 -0.88 -39.42 18.24
CA GLU A 346 -1.83 -38.48 17.63
C GLU A 346 -1.65 -37.06 18.17
N LEU A 347 -1.48 -36.92 19.49
CA LEU A 347 -1.14 -35.62 20.07
C LEU A 347 0.12 -35.05 19.44
N GLU A 348 1.16 -35.86 19.31
CA GLU A 348 2.40 -35.40 18.71
C GLU A 348 2.23 -34.98 17.26
N SER A 349 1.43 -35.74 16.51
CA SER A 349 1.13 -35.44 15.10
C SER A 349 0.41 -34.11 14.91
N ILE A 350 -0.57 -33.85 15.78
CA ILE A 350 -1.33 -32.62 15.69
C ILE A 350 -0.42 -31.46 16.06
N VAL A 351 0.30 -31.60 17.16
CA VAL A 351 1.20 -30.52 17.55
C VAL A 351 2.18 -30.23 16.41
N ALA A 352 2.74 -31.28 15.81
CA ALA A 352 3.77 -31.14 14.76
C ALA A 352 3.23 -30.47 13.50
N ALA A 353 1.95 -30.68 13.21
CA ALA A 353 1.31 -30.12 12.03
C ALA A 353 1.12 -28.60 12.16
N HIS A 354 1.11 -28.08 13.40
CA HIS A 354 0.74 -26.66 13.63
C HIS A 354 1.81 -25.84 14.37
N THR A 355 2.95 -26.46 14.66
CA THR A 355 4.03 -25.77 15.36
C THR A 355 5.37 -26.29 14.84
N GLY A 356 6.47 -25.76 15.37
CA GLY A 356 7.78 -26.27 14.98
C GLY A 356 8.23 -27.40 15.89
N ILE A 357 7.36 -27.88 16.77
CA ILE A 357 7.76 -28.94 17.71
C ILE A 357 7.75 -30.25 16.91
N THR A 358 8.80 -31.04 16.98
CA THR A 358 8.74 -32.28 16.23
C THR A 358 8.68 -33.47 17.15
N ALA A 359 9.03 -33.25 18.41
CA ALA A 359 9.03 -34.34 19.40
C ALA A 359 8.56 -33.80 20.74
N LEU A 360 7.52 -34.40 21.29
CA LEU A 360 7.06 -34.01 22.62
C LEU A 360 7.72 -34.91 23.65
N THR A 361 7.91 -34.42 24.86
CA THR A 361 8.30 -35.33 25.94
C THR A 361 7.09 -36.12 26.45
N ASP A 362 7.35 -37.21 27.18
CA ASP A 362 6.24 -37.92 27.84
C ASP A 362 5.42 -36.98 28.75
N ARG A 363 6.10 -36.08 29.44
CA ARG A 363 5.47 -35.12 30.31
C ARG A 363 4.57 -34.19 29.48
N GLU A 364 5.06 -33.69 28.33
CA GLU A 364 4.25 -32.74 27.56
C GLU A 364 3.01 -33.46 27.05
N VAL A 365 3.20 -34.71 26.62
CA VAL A 365 2.04 -35.55 26.26
C VAL A 365 1.01 -35.63 27.40
N ALA A 366 1.48 -35.94 28.62
CA ALA A 366 0.57 -35.99 29.78
C ALA A 366 -0.18 -34.68 30.03
N LYS A 367 0.53 -33.56 29.85
CA LYS A 367 -0.12 -32.26 30.05
C LYS A 367 -1.20 -31.99 29.02
N LEU A 368 -0.91 -32.30 27.75
CA LEU A 368 -1.85 -32.02 26.68
C LEU A 368 -3.05 -32.97 26.73
N ARG A 369 -2.79 -34.23 27.09
CA ARG A 369 -3.87 -35.21 27.29
C ARG A 369 -4.87 -34.75 28.40
N ASP A 370 -4.30 -34.19 29.47
CA ASP A 370 -5.03 -33.66 30.61
C ASP A 370 -5.77 -32.39 30.26
N ALA A 371 -5.06 -31.41 29.70
CA ALA A 371 -5.72 -30.16 29.38
C ALA A 371 -5.00 -29.50 28.21
N PRO A 372 -5.58 -29.55 27.02
CA PRO A 372 -4.89 -29.04 25.82
C PRO A 372 -4.44 -27.57 25.95
N GLY A 373 -5.13 -26.78 26.75
CA GLY A 373 -4.78 -25.36 26.95
C GLY A 373 -3.44 -25.15 27.63
N SER A 374 -2.91 -26.18 28.30
CA SER A 374 -1.50 -26.19 28.78
C SER A 374 -0.44 -26.02 27.67
N ILE A 375 -0.83 -26.18 26.39
CA ILE A 375 0.12 -25.93 25.30
C ILE A 375 0.65 -24.47 25.39
N SER A 376 -0.13 -23.55 25.95
CA SER A 376 0.38 -22.16 26.05
C SER A 376 1.63 -22.11 26.93
N THR A 377 1.63 -22.87 28.03
CA THR A 377 2.78 -22.87 28.94
C THR A 377 3.95 -23.65 28.37
N ILE A 378 3.65 -24.74 27.64
CA ILE A 378 4.65 -25.54 26.96
C ILE A 378 5.38 -24.67 25.96
N LEU A 379 4.62 -23.91 25.19
CA LEU A 379 5.21 -23.02 24.19
C LEU A 379 5.95 -21.85 24.83
N ALA A 380 5.41 -21.25 25.90
CA ALA A 380 6.13 -20.11 26.53
C ALA A 380 7.46 -20.57 27.10
N GLU A 381 7.45 -21.75 27.74
CA GLU A 381 8.68 -22.31 28.24
C GLU A 381 9.68 -22.60 27.11
N ARG A 382 9.25 -23.28 26.03
CA ARG A 382 10.16 -23.58 24.92
C ARG A 382 10.68 -22.31 24.24
N ALA A 383 9.87 -21.25 24.19
CA ALA A 383 10.36 -19.95 23.67
C ALA A 383 11.25 -19.15 24.64
N GLY A 384 11.14 -19.41 25.93
CA GLY A 384 11.89 -18.66 26.94
C GLY A 384 11.31 -17.25 27.20
N ILE A 385 9.99 -17.09 27.08
CA ILE A 385 9.35 -15.84 27.46
C ILE A 385 8.47 -16.07 28.71
N ALA A 386 8.02 -14.99 29.34
CA ALA A 386 7.28 -15.11 30.58
C ALA A 386 6.24 -14.02 30.67
N PHE A 387 5.21 -14.29 31.44
CA PHE A 387 4.17 -13.30 31.80
C PHE A 387 4.09 -13.23 33.30
N THR A 388 3.83 -12.07 33.88
CA THR A 388 3.64 -11.96 35.32
C THR A 388 2.23 -11.86 35.84
N THR A 389 1.27 -11.62 34.94
CA THR A 389 -0.06 -11.25 35.37
C THR A 389 -1.05 -11.66 34.29
N ASP A 390 -2.29 -11.84 34.68
CA ASP A 390 -3.36 -12.01 33.71
C ASP A 390 -4.13 -10.69 33.53
N GLY A 391 -3.57 -9.60 34.08
CA GLY A 391 -4.14 -8.26 33.98
C GLY A 391 -3.28 -7.26 33.19
N HIS A 392 -3.67 -6.00 33.28
CA HIS A 392 -2.90 -4.94 32.69
C HIS A 392 -1.78 -4.52 33.62
N THR A 393 -0.76 -3.89 33.06
CA THR A 393 0.31 -3.34 33.87
C THR A 393 0.41 -1.83 33.63
N GLY A 394 1.07 -1.14 34.55
CA GLY A 394 0.97 0.33 34.62
C GLY A 394 2.08 1.09 33.91
N THR A 395 2.91 0.39 33.14
CA THR A 395 3.99 1.06 32.42
C THR A 395 3.52 2.12 31.41
N ASP A 396 4.31 3.17 31.27
CA ASP A 396 4.17 4.10 30.13
C ASP A 396 4.40 3.24 28.84
N VAL A 397 3.79 3.64 27.72
CA VAL A 397 3.93 2.88 26.47
C VAL A 397 4.41 3.81 25.36
N PRO A 398 4.91 3.26 24.26
CA PRO A 398 5.36 4.15 23.19
C PRO A 398 4.19 4.81 22.47
N VAL A 399 4.41 6.02 21.95
CA VAL A 399 3.48 6.62 21.01
C VAL A 399 4.28 7.00 19.77
N PHE A 400 3.64 6.90 18.61
CA PHE A 400 4.27 7.19 17.32
C PHE A 400 3.40 8.18 16.58
N ALA A 401 4.02 9.12 15.89
CA ALA A 401 3.25 10.05 15.10
C ALA A 401 3.92 10.33 13.77
N HIS A 402 3.10 10.68 12.77
CA HIS A 402 3.63 10.94 11.42
C HIS A 402 2.75 12.01 10.81
N GLY A 403 3.33 12.85 9.97
CA GLY A 403 2.56 13.89 9.33
C GLY A 403 2.73 15.23 9.98
N PRO A 404 1.80 16.16 9.70
CA PRO A 404 2.00 17.54 10.23
C PRO A 404 2.02 17.55 11.73
N ASN A 405 3.00 18.24 12.31
CA ASN A 405 3.08 18.40 13.77
C ASN A 405 3.40 17.10 14.50
N ALA A 406 3.94 16.11 13.76
CA ALA A 406 4.28 14.81 14.38
C ALA A 406 5.38 14.99 15.44
N ALA A 407 6.30 15.95 15.24
CA ALA A 407 7.40 16.15 16.19
C ALA A 407 6.97 16.59 17.61
N ARG A 408 5.71 17.03 17.76
CA ARG A 408 5.17 17.25 19.10
C ARG A 408 5.07 15.98 19.93
N PHE A 409 5.16 14.83 19.29
CA PHE A 409 5.25 13.55 20.03
C PHE A 409 6.67 13.06 20.32
N ASP A 410 7.71 13.87 20.01
CA ASP A 410 9.09 13.49 20.39
C ASP A 410 9.26 13.99 21.83
N ALA A 411 8.44 13.44 22.74
CA ALA A 411 8.31 13.94 24.09
C ALA A 411 7.60 12.89 24.90
N ALA A 412 7.67 12.98 26.22
CA ALA A 412 6.72 12.28 27.10
C ALA A 412 5.41 13.04 27.08
N ARG A 413 4.34 12.32 26.78
CA ARG A 413 3.00 12.93 26.73
C ARG A 413 1.99 12.15 27.57
N ASP A 414 0.87 12.77 27.93
CA ASP A 414 -0.20 12.01 28.60
C ASP A 414 -1.12 11.43 27.51
N ASN A 415 -1.89 10.39 27.80
CA ASN A 415 -2.77 9.81 26.80
C ASN A 415 -3.82 10.76 26.26
N THR A 416 -4.18 11.77 27.05
CA THR A 416 -5.19 12.76 26.59
C THR A 416 -4.64 13.59 25.43
N ALA A 417 -3.32 13.57 25.26
CA ALA A 417 -2.66 14.33 24.17
C ALA A 417 -3.07 13.84 22.79
N VAL A 418 -3.48 12.56 22.72
CA VAL A 418 -3.86 11.94 21.45
C VAL A 418 -5.08 12.72 20.92
N ALA A 419 -6.08 12.94 21.79
CA ALA A 419 -7.31 13.61 21.36
C ALA A 419 -7.00 15.05 20.92
N ASP A 420 -6.14 15.72 21.68
CA ASP A 420 -5.77 17.10 21.33
C ASP A 420 -5.06 17.17 19.97
N ALA A 421 -4.19 16.21 19.72
CA ALA A 421 -3.42 16.18 18.45
C ALA A 421 -4.36 15.93 17.28
N LEU A 422 -5.30 15.00 17.47
CA LEU A 422 -6.20 14.62 16.37
C LEU A 422 -7.07 15.82 16.05
N ALA A 423 -7.59 16.45 17.10
CA ALA A 423 -8.45 17.65 16.92
C ALA A 423 -7.69 18.75 16.18
N ALA A 424 -6.43 18.96 16.55
CA ALA A 424 -5.63 20.00 15.89
C ALA A 424 -5.43 19.65 14.44
N ALA A 425 -5.16 18.37 14.17
CA ALA A 425 -4.91 17.96 12.79
C ALA A 425 -6.14 18.21 11.90
N LEU A 426 -7.33 17.94 12.43
CA LEU A 426 -8.55 18.03 11.61
C LEU A 426 -9.15 19.41 11.67
N GLY A 427 -8.66 20.22 12.61
CA GLY A 427 -9.10 21.61 12.75
C GLY A 427 -10.49 21.67 13.38
N VAL A 428 -10.72 20.85 14.41
CA VAL A 428 -11.98 20.88 15.17
C VAL A 428 -11.75 21.24 16.64
N SER A 429 -12.84 21.65 17.27
CA SER A 429 -12.80 22.02 18.67
C SER A 429 -13.33 20.87 19.53
N LEU A 430 -12.49 20.45 20.47
CA LEU A 430 -12.64 19.29 21.36
C LEU A 430 -12.20 17.98 20.71
N ALA B 1 0.02 -26.60 -8.52
CA ALA B 1 -0.06 -25.13 -8.71
C ALA B 1 1.29 -24.54 -9.18
N SER B 2 1.22 -23.43 -9.89
CA SER B 2 2.48 -22.80 -10.34
C SER B 2 3.17 -22.06 -9.15
N PRO B 3 4.41 -21.56 -9.32
CA PRO B 3 5.10 -20.88 -8.20
C PRO B 3 4.39 -19.62 -7.67
N ALA B 4 3.71 -18.89 -8.54
CA ALA B 4 3.01 -17.64 -8.18
C ALA B 4 1.53 -17.63 -8.58
N ALA B 5 0.73 -16.98 -7.74
CA ALA B 5 -0.66 -16.78 -8.01
C ALA B 5 -0.80 -15.52 -8.89
N ASN B 6 0.11 -14.56 -8.70
CA ASN B 6 0.05 -13.31 -9.46
C ASN B 6 1.42 -13.04 -10.03
N ALA B 7 1.48 -12.46 -11.23
CA ALA B 7 2.78 -12.01 -11.74
C ALA B 7 2.63 -10.61 -12.32
N ILE B 8 3.60 -9.75 -12.07
CA ILE B 8 3.48 -8.36 -12.49
C ILE B 8 4.76 -8.03 -13.22
N ALA B 9 4.63 -7.48 -14.42
CA ALA B 9 5.80 -6.96 -15.17
C ALA B 9 5.69 -5.48 -15.09
N TYR B 10 6.72 -4.80 -14.59
CA TYR B 10 6.68 -3.36 -14.46
C TYR B 10 7.79 -2.78 -15.31
N ILE B 11 7.42 -2.20 -16.43
CA ILE B 11 8.43 -1.64 -17.37
C ILE B 11 8.50 -0.13 -17.16
N VAL B 12 9.70 0.43 -17.04
CA VAL B 12 9.86 1.87 -17.05
C VAL B 12 10.55 2.17 -18.38
N ASP B 13 9.79 2.79 -19.27
CA ASP B 13 10.24 2.98 -20.62
C ASP B 13 11.29 4.06 -20.65
N GLY B 14 12.47 3.72 -21.20
CA GLY B 14 13.62 4.63 -21.23
C GLY B 14 14.51 4.64 -19.98
N MET B 15 14.26 3.76 -19.03
CA MET B 15 15.10 3.73 -17.79
C MET B 15 16.42 2.92 -17.91
N GLY B 16 17.55 3.61 -17.76
CA GLY B 16 18.85 2.94 -17.53
C GLY B 16 19.32 3.23 -16.11
N GLN B 17 20.53 2.76 -15.79
CA GLN B 17 21.11 2.96 -14.43
C GLN B 17 21.25 4.46 -14.12
N THR B 18 21.52 5.30 -15.11
CA THR B 18 21.67 6.71 -14.76
C THR B 18 20.36 7.38 -14.33
N GLN B 19 19.25 7.05 -15.00
CA GLN B 19 17.93 7.62 -14.63
C GLN B 19 17.64 7.16 -13.20
N ILE B 20 17.89 5.87 -12.93
CA ILE B 20 17.62 5.32 -11.57
C ILE B 20 18.44 6.07 -10.50
N SER B 21 19.73 6.27 -10.81
CA SER B 21 20.63 6.99 -9.89
C SER B 21 20.18 8.43 -9.68
N ALA B 22 19.76 9.08 -10.77
CA ALA B 22 19.38 10.49 -10.67
C ALA B 22 18.22 10.60 -9.68
N ALA B 23 17.27 9.67 -9.81
CA ALA B 23 16.11 9.70 -8.96
C ALA B 23 16.44 9.30 -7.50
N ARG B 24 17.43 8.41 -7.31
CA ARG B 24 17.93 8.08 -5.95
C ARG B 24 18.45 9.34 -5.24
N TYR B 25 19.30 10.09 -5.95
CA TYR B 25 19.80 11.31 -5.38
C TYR B 25 18.69 12.34 -5.15
N LEU B 26 17.77 12.47 -6.11
CA LEU B 26 16.67 13.43 -5.92
C LEU B 26 15.83 13.10 -4.65
N ASN B 27 15.52 11.84 -4.48
CA ASN B 27 14.78 11.39 -3.31
C ASN B 27 15.52 11.75 -2.01
N ALA B 28 16.84 11.54 -1.99
CA ALA B 28 17.63 11.82 -0.81
C ALA B 28 17.63 13.31 -0.53
N TYR B 29 17.81 14.12 -1.58
CA TYR B 29 17.80 15.54 -1.39
C TYR B 29 16.47 16.07 -0.83
N LYS B 30 15.36 15.55 -1.37
CA LYS B 30 14.03 15.94 -0.89
C LYS B 30 13.83 15.53 0.58
N THR B 31 14.33 14.35 0.94
CA THR B 31 14.10 13.78 2.27
C THR B 31 14.86 14.56 3.34
N ALA B 32 16.13 14.88 3.08
CA ALA B 32 16.99 15.53 4.10
C ALA B 32 18.10 16.35 3.45
N PRO B 33 17.77 17.57 2.99
CA PRO B 33 18.77 18.34 2.26
C PRO B 33 20.00 18.67 3.11
N GLU B 34 19.83 18.79 4.42
CA GLU B 34 20.95 19.08 5.32
C GLU B 34 21.95 17.92 5.43
N ARG B 35 21.48 16.69 5.26
CA ARG B 35 22.32 15.49 5.36
C ARG B 35 22.93 15.10 4.00
N PHE B 36 22.29 15.56 2.93
CA PHE B 36 22.67 15.25 1.56
C PHE B 36 24.11 15.63 1.23
N PRO B 37 24.86 14.76 0.55
CA PRO B 37 24.47 13.48 -0.05
C PRO B 37 24.71 12.26 0.84
N LEU B 38 25.11 12.48 2.09
CA LEU B 38 25.46 11.33 2.95
C LEU B 38 24.30 10.31 3.10
N ASN B 39 23.07 10.81 3.07
CA ASN B 39 21.87 9.98 3.14
C ASN B 39 21.49 9.27 1.83
N VAL B 40 22.26 9.49 0.76
CA VAL B 40 22.06 8.74 -0.50
C VAL B 40 22.38 7.25 -0.34
N SER B 41 23.24 6.92 0.64
CA SER B 41 23.58 5.51 0.90
C SER B 41 22.29 4.67 1.01
N PRO B 42 22.24 3.52 0.30
CA PRO B 42 21.09 2.64 0.34
C PRO B 42 20.86 2.08 1.77
N ALA B 43 21.90 2.11 2.61
CA ALA B 43 21.79 1.70 4.02
C ALA B 43 20.99 2.77 4.79
N GLU B 44 21.06 4.02 4.30
CA GLU B 44 20.40 5.12 4.98
C GLU B 44 19.02 5.41 4.47
N THR B 45 18.84 5.35 3.14
CA THR B 45 17.58 5.77 2.53
C THR B 45 17.22 4.76 1.44
N PRO B 46 16.53 3.67 1.81
CA PRO B 46 16.19 2.70 0.75
C PRO B 46 15.14 3.26 -0.22
N THR B 47 15.31 2.95 -1.51
CA THR B 47 14.38 3.39 -2.54
C THR B 47 13.47 2.22 -2.89
N GLY B 48 12.48 2.49 -3.74
CA GLY B 48 11.59 1.47 -4.22
C GLY B 48 12.30 0.29 -4.86
N PHE B 49 13.28 0.53 -5.71
CA PHE B 49 13.91 -0.61 -6.34
C PHE B 49 14.77 -1.36 -5.33
N ASP B 50 15.29 -0.68 -4.30
CA ASP B 50 16.12 -1.37 -3.30
C ASP B 50 15.32 -2.46 -2.60
N ALA B 51 13.99 -2.29 -2.56
CA ALA B 51 13.10 -3.29 -1.93
C ALA B 51 12.99 -4.63 -2.65
N PHE B 52 13.33 -4.68 -3.96
CA PHE B 52 13.36 -5.96 -4.71
C PHE B 52 14.48 -6.84 -4.20
N SER B 53 14.21 -8.12 -3.99
CA SER B 53 15.26 -8.97 -3.42
C SER B 53 16.43 -9.21 -4.36
N SER B 54 16.21 -9.25 -5.69
CA SER B 54 17.31 -9.48 -6.62
C SER B 54 17.41 -8.44 -7.71
N ARG B 55 18.63 -8.27 -8.25
CA ARG B 55 18.83 -7.36 -9.38
C ARG B 55 19.93 -7.91 -10.26
N GLY B 56 19.85 -7.63 -11.56
CA GLY B 56 20.91 -8.02 -12.47
C GLY B 56 20.89 -7.00 -13.59
N SER B 57 21.36 -7.42 -14.76
CA SER B 57 21.42 -6.52 -15.92
C SER B 57 20.82 -7.23 -17.11
N MET B 58 20.36 -6.45 -18.09
CA MET B 58 19.67 -7.06 -19.19
C MET B 58 20.07 -6.41 -20.50
N THR B 59 20.34 -7.26 -21.49
CA THR B 59 20.71 -6.78 -22.84
C THR B 59 19.43 -6.49 -23.60
N THR B 60 19.45 -5.41 -24.37
CA THR B 60 18.21 -4.89 -24.92
C THR B 60 18.11 -4.87 -26.45
N PHE B 61 19.14 -5.34 -27.16
CA PHE B 61 19.17 -5.20 -28.62
C PHE B 61 17.98 -5.94 -29.29
N PRO B 62 17.59 -5.47 -30.47
CA PRO B 62 16.54 -6.12 -31.28
C PRO B 62 17.14 -7.07 -32.28
N ASP B 63 16.28 -7.79 -32.99
CA ASP B 63 16.68 -8.46 -34.24
C ASP B 63 16.17 -7.63 -35.45
N ASP B 64 16.90 -6.59 -35.76
CA ASP B 64 16.49 -5.65 -36.79
C ASP B 64 17.50 -5.65 -37.94
N PRO B 65 17.07 -5.36 -39.17
CA PRO B 65 18.06 -5.38 -40.28
C PRO B 65 19.11 -4.26 -40.21
N TYR B 66 18.79 -3.14 -39.56
CA TYR B 66 19.71 -1.98 -39.56
C TYR B 66 20.08 -1.44 -38.20
N GLU B 67 19.13 -1.43 -37.28
CA GLU B 67 19.36 -0.76 -36.00
C GLU B 67 19.92 -1.71 -34.94
N THR B 68 20.93 -1.27 -34.21
CA THR B 68 21.49 -2.10 -33.15
C THR B 68 20.83 -1.81 -31.77
N THR B 69 20.18 -0.67 -31.65
CA THR B 69 19.49 -0.24 -30.44
C THR B 69 17.99 -0.44 -30.64
N THR B 70 17.33 -1.01 -29.65
CA THR B 70 15.93 -1.37 -29.75
C THR B 70 14.99 -0.16 -29.67
N ASP B 71 13.81 -0.34 -30.23
CA ASP B 71 12.66 0.50 -29.87
C ASP B 71 11.75 -0.25 -28.87
N SER B 72 10.70 0.41 -28.40
N SER B 72 10.68 0.42 -28.46
CA SER B 72 9.89 -0.22 -27.35
CA SER B 72 9.85 -0.12 -27.39
C SER B 72 9.12 -1.42 -27.87
C SER B 72 9.04 -1.32 -27.85
N ALA B 73 8.72 -1.35 -29.14
CA ALA B 73 7.93 -2.43 -29.76
C ALA B 73 8.71 -3.75 -29.77
N ALA B 74 9.96 -3.70 -30.21
CA ALA B 74 10.76 -4.91 -30.28
C ALA B 74 11.03 -5.40 -28.85
N ALA B 75 11.31 -4.46 -27.93
CA ALA B 75 11.67 -4.84 -26.56
C ALA B 75 10.47 -5.48 -25.86
N ALA B 76 9.31 -4.87 -26.06
CA ALA B 76 8.10 -5.39 -25.38
C ALA B 76 7.66 -6.70 -25.98
N THR B 77 7.90 -6.90 -27.27
CA THR B 77 7.63 -8.23 -27.87
C THR B 77 8.56 -9.26 -27.23
N ALA B 78 9.82 -8.89 -26.99
CA ALA B 78 10.70 -9.81 -26.24
C ALA B 78 10.15 -10.07 -24.81
N PHE B 79 9.73 -9.02 -24.10
CA PHE B 79 9.21 -9.20 -22.74
C PHE B 79 7.96 -10.07 -22.70
N ALA B 80 7.12 -9.92 -23.71
CA ALA B 80 5.79 -10.59 -23.70
C ALA B 80 5.85 -11.98 -24.33
N SER B 81 6.77 -12.20 -25.27
CA SER B 81 6.73 -13.43 -26.10
C SER B 81 8.01 -14.23 -26.06
N GLY B 82 9.08 -13.62 -25.55
CA GLY B 82 10.32 -14.33 -25.39
C GLY B 82 11.05 -14.52 -26.69
N VAL B 83 10.78 -13.68 -27.69
CA VAL B 83 11.49 -13.74 -28.99
C VAL B 83 11.99 -12.34 -29.34
N LYS B 84 13.08 -12.31 -30.09
CA LYS B 84 13.63 -11.04 -30.63
C LYS B 84 12.93 -10.72 -31.91
N THR B 85 12.71 -9.43 -32.17
CA THR B 85 12.06 -9.07 -33.39
C THR B 85 12.60 -7.75 -33.92
N TYR B 86 12.03 -7.26 -35.02
CA TYR B 86 12.53 -6.03 -35.58
C TYR B 86 11.92 -4.80 -34.92
N ASN B 87 12.62 -3.67 -35.07
CA ASN B 87 12.08 -2.45 -34.48
C ASN B 87 10.80 -2.06 -35.11
N GLY B 88 9.76 -1.95 -34.28
CA GLY B 88 8.45 -1.57 -34.79
C GLY B 88 7.44 -2.70 -34.80
N ALA B 89 7.90 -3.95 -34.66
CA ALA B 89 6.98 -5.11 -34.60
C ALA B 89 6.23 -5.18 -33.26
N ILE B 90 4.97 -5.57 -33.29
CA ILE B 90 4.20 -5.80 -32.09
C ILE B 90 3.65 -7.24 -32.09
N GLY B 91 4.16 -8.11 -31.21
CA GLY B 91 3.58 -9.44 -31.02
C GLY B 91 3.75 -10.36 -32.22
N GLY B 92 4.84 -10.19 -32.92
CA GLY B 92 5.11 -10.98 -34.13
C GLY B 92 6.55 -10.83 -34.56
N VAL B 93 6.96 -11.76 -35.41
CA VAL B 93 8.33 -11.78 -35.98
C VAL B 93 8.27 -11.76 -37.50
N GLN B 94 9.35 -11.30 -38.14
CA GLN B 94 9.50 -11.46 -39.57
C GLN B 94 10.15 -12.82 -39.85
N THR B 95 9.52 -13.70 -40.61
CA THR B 95 10.17 -14.94 -40.98
C THR B 95 10.65 -14.89 -42.43
N SER B 96 11.71 -15.64 -42.73
CA SER B 96 12.24 -15.59 -44.09
C SER B 96 11.38 -16.41 -45.03
N GLY B 97 10.69 -17.42 -44.51
CA GLY B 97 9.85 -18.29 -45.34
C GLY B 97 8.42 -17.78 -45.55
N GLY B 98 7.95 -16.88 -44.70
CA GLY B 98 6.52 -16.57 -44.63
C GLY B 98 6.11 -15.17 -44.25
N GLY B 99 7.03 -14.21 -44.26
CA GLY B 99 6.66 -12.87 -43.81
C GLY B 99 6.36 -12.77 -42.32
N PHE B 100 5.53 -11.80 -41.95
CA PHE B 100 5.15 -11.58 -40.54
C PHE B 100 4.36 -12.74 -39.97
N GLN B 101 4.73 -13.19 -38.79
CA GLN B 101 4.02 -14.26 -38.15
C GLN B 101 3.78 -13.86 -36.71
N ARG B 102 2.54 -13.97 -36.26
CA ARG B 102 2.26 -13.62 -34.87
C ARG B 102 2.86 -14.60 -33.89
N VAL B 103 3.17 -14.15 -32.68
CA VAL B 103 3.68 -15.06 -31.63
C VAL B 103 2.77 -14.89 -30.41
N ASP B 104 2.58 -15.96 -29.65
CA ASP B 104 1.75 -15.91 -28.43
C ASP B 104 2.39 -15.01 -27.37
N THR B 105 1.57 -14.39 -26.55
CA THR B 105 2.12 -13.60 -25.44
C THR B 105 1.73 -14.22 -24.10
N VAL B 106 2.47 -13.83 -23.04
CA VAL B 106 2.25 -14.35 -21.70
C VAL B 106 0.88 -13.96 -21.16
N LEU B 107 0.39 -12.79 -21.57
CA LEU B 107 -0.92 -12.32 -21.17
C LEU B 107 -2.00 -13.21 -21.77
N GLU B 108 -1.84 -13.56 -23.03
CA GLU B 108 -2.83 -14.37 -23.73
C GLU B 108 -2.90 -15.76 -23.11
N ARG B 109 -1.70 -16.30 -22.84
CA ARG B 109 -1.63 -17.65 -22.25
C ARG B 109 -2.17 -17.65 -20.82
N ALA B 110 -1.83 -16.63 -20.05
CA ALA B 110 -2.41 -16.45 -18.70
C ALA B 110 -3.94 -16.39 -18.75
N SER B 111 -4.46 -15.56 -19.64
CA SER B 111 -5.92 -15.49 -19.77
C SER B 111 -6.55 -16.86 -20.08
N ALA B 112 -5.92 -17.62 -20.97
CA ALA B 112 -6.44 -18.93 -21.40
C ALA B 112 -6.49 -19.91 -20.24
N GLN B 113 -5.58 -19.74 -19.29
CA GLN B 113 -5.53 -20.62 -18.11
C GLN B 113 -6.38 -20.12 -16.94
N GLY B 114 -7.02 -18.96 -17.09
CA GLY B 114 -7.98 -18.44 -16.13
C GLY B 114 -7.47 -17.36 -15.20
N TYR B 115 -6.25 -16.86 -15.44
CA TYR B 115 -5.80 -15.66 -14.74
C TYR B 115 -6.54 -14.43 -15.24
N ALA B 116 -6.80 -13.48 -14.35
CA ALA B 116 -7.31 -12.15 -14.76
C ALA B 116 -6.08 -11.44 -15.33
N THR B 117 -6.30 -10.48 -16.23
CA THR B 117 -5.18 -9.82 -16.91
C THR B 117 -5.39 -8.32 -16.99
N GLY B 118 -4.29 -7.58 -16.94
CA GLY B 118 -4.41 -6.13 -16.98
C GLY B 118 -3.26 -5.42 -17.70
N LEU B 119 -3.56 -4.23 -18.23
CA LEU B 119 -2.57 -3.32 -18.79
C LEU B 119 -2.79 -1.95 -18.20
N ILE B 120 -1.73 -1.34 -17.65
CA ILE B 120 -1.82 -0.02 -17.02
C ILE B 120 -0.59 0.79 -17.45
N THR B 121 -0.83 1.96 -18.04
CA THR B 121 0.29 2.80 -18.52
C THR B 121 -0.03 4.27 -18.39
N THR B 122 1.03 5.09 -18.32
CA THR B 122 0.89 6.54 -18.39
C THR B 122 0.92 7.01 -19.86
N THR B 123 1.20 6.12 -20.83
CA THR B 123 1.15 6.50 -22.23
C THR B 123 -0.25 6.27 -22.83
N GLU B 124 -0.40 6.63 -24.11
CA GLU B 124 -1.56 6.15 -24.92
C GLU B 124 -1.75 4.67 -24.62
N ALA B 125 -3.00 4.22 -24.44
CA ALA B 125 -3.23 2.78 -24.10
C ALA B 125 -2.76 1.79 -25.18
N THR B 126 -2.76 2.24 -26.43
CA THR B 126 -2.39 1.42 -27.58
C THR B 126 -0.91 1.63 -27.97
N HIS B 127 -0.14 2.31 -27.12
CA HIS B 127 1.30 2.53 -27.42
C HIS B 127 2.05 1.20 -27.37
N ALA B 128 3.28 1.13 -27.88
CA ALA B 128 3.98 -0.14 -28.15
C ALA B 128 4.11 -1.06 -26.96
N THR B 129 4.42 -0.49 -25.80
CA THR B 129 4.71 -1.35 -24.64
C THR B 129 3.55 -2.27 -24.23
N PRO B 130 2.40 -1.68 -23.89
CA PRO B 130 1.22 -2.55 -23.56
C PRO B 130 0.72 -3.33 -24.78
N ALA B 131 0.84 -2.76 -25.99
CA ALA B 131 0.34 -3.40 -27.19
C ALA B 131 0.97 -4.77 -27.42
N ALA B 132 2.26 -4.92 -27.10
CA ALA B 132 2.95 -6.19 -27.37
C ALA B 132 2.37 -7.36 -26.53
N PHE B 133 1.73 -7.05 -25.40
CA PHE B 133 1.15 -8.07 -24.54
C PHE B 133 -0.25 -8.49 -25.00
N ALA B 134 -0.90 -7.65 -25.79
CA ALA B 134 -2.30 -7.86 -26.06
C ALA B 134 -2.72 -7.69 -27.51
N ALA B 135 -1.75 -7.50 -28.42
CA ALA B 135 -2.09 -7.28 -29.84
C ALA B 135 -0.94 -7.75 -30.73
N HIS B 136 -1.24 -7.86 -32.02
CA HIS B 136 -0.28 -8.35 -33.01
C HIS B 136 -0.41 -7.51 -34.23
N VAL B 137 0.59 -6.70 -34.52
CA VAL B 137 0.57 -5.88 -35.75
C VAL B 137 1.99 -5.74 -36.31
N GLU B 138 2.11 -5.66 -37.64
CA GLU B 138 3.42 -5.57 -38.26
C GLU B 138 4.07 -4.20 -38.02
N ASP B 139 3.24 -3.17 -37.78
CA ASP B 139 3.69 -1.81 -37.59
C ASP B 139 3.02 -1.20 -36.35
N ARG B 140 3.85 -0.83 -35.38
CA ARG B 140 3.36 -0.29 -34.11
C ARG B 140 2.51 0.96 -34.30
N GLY B 141 2.64 1.65 -35.44
CA GLY B 141 1.79 2.83 -35.63
C GLY B 141 0.32 2.57 -35.95
N ASN B 142 -0.02 1.30 -36.18
CA ASN B 142 -1.42 0.93 -36.49
C ASN B 142 -2.23 0.84 -35.18
N GLN B 143 -2.39 1.99 -34.52
CA GLN B 143 -2.98 2.02 -33.17
C GLN B 143 -4.48 1.71 -33.14
N THR B 144 -5.18 2.00 -34.22
CA THR B 144 -6.59 1.63 -34.22
C THR B 144 -6.79 0.11 -34.36
N GLU B 145 -5.91 -0.59 -35.08
CA GLU B 145 -5.96 -2.07 -35.07
C GLU B 145 -5.58 -2.65 -33.71
N ILE B 146 -4.59 -2.04 -33.03
CA ILE B 146 -4.27 -2.46 -31.70
C ILE B 146 -5.51 -2.30 -30.78
N ALA B 147 -6.19 -1.14 -30.88
CA ALA B 147 -7.36 -0.92 -30.04
C ALA B 147 -8.45 -1.95 -30.35
N ARG B 148 -8.62 -2.27 -31.65
CA ARG B 148 -9.59 -3.28 -32.06
C ARG B 148 -9.29 -4.63 -31.41
N GLN B 149 -8.00 -5.02 -31.44
CA GLN B 149 -7.60 -6.30 -30.89
C GLN B 149 -7.78 -6.33 -29.37
N TYR B 150 -7.49 -5.23 -28.69
CA TYR B 150 -7.79 -5.18 -27.24
C TYR B 150 -9.26 -5.48 -26.95
N ILE B 151 -10.15 -4.82 -27.67
CA ILE B 151 -11.58 -4.81 -27.30
C ILE B 151 -12.29 -6.06 -27.86
N GLU B 152 -11.90 -6.50 -29.08
CA GLU B 152 -12.60 -7.59 -29.78
C GLU B 152 -11.93 -8.92 -29.63
N GLU B 153 -10.64 -8.93 -29.35
CA GLU B 153 -9.92 -10.23 -29.36
C GLU B 153 -9.33 -10.66 -28.03
N THR B 154 -8.36 -9.90 -27.55
N THR B 154 -8.38 -9.90 -27.50
CA THR B 154 -7.68 -10.24 -26.31
CA THR B 154 -7.69 -10.32 -26.28
C THR B 154 -8.59 -10.06 -25.09
C THR B 154 -8.42 -9.97 -24.96
N GLN B 155 -9.14 -8.85 -24.97
CA GLN B 155 -10.03 -8.46 -23.86
C GLN B 155 -9.45 -8.55 -22.46
N PRO B 156 -8.37 -7.78 -22.19
CA PRO B 156 -7.86 -7.74 -20.82
C PRO B 156 -8.95 -7.24 -19.88
N ASP B 157 -8.93 -7.71 -18.64
CA ASP B 157 -9.88 -7.26 -17.63
C ASP B 157 -9.71 -5.80 -17.24
N VAL B 158 -8.48 -5.27 -17.31
CA VAL B 158 -8.28 -3.87 -16.94
C VAL B 158 -7.40 -3.29 -18.03
N ILE B 159 -7.82 -2.17 -18.61
CA ILE B 159 -7.00 -1.41 -19.58
C ILE B 159 -7.02 0.03 -19.09
N LEU B 160 -5.88 0.55 -18.61
CA LEU B 160 -5.80 1.92 -18.11
C LEU B 160 -4.70 2.66 -18.88
N GLY B 161 -5.03 3.80 -19.48
CA GLY B 161 -4.04 4.54 -20.26
C GLY B 161 -4.63 5.79 -20.84
N GLY B 162 -3.96 6.33 -21.87
CA GLY B 162 -4.46 7.56 -22.49
C GLY B 162 -5.02 7.32 -23.87
N GLN B 163 -5.51 8.39 -24.48
CA GLN B 163 -5.93 8.44 -25.91
C GLN B 163 -7.25 7.72 -26.30
N ARG B 164 -8.37 8.28 -25.84
CA ARG B 164 -9.69 7.79 -26.21
C ARG B 164 -9.85 7.75 -27.72
N ARG B 165 -9.20 8.67 -28.44
CA ARG B 165 -9.37 8.77 -29.89
C ARG B 165 -9.17 7.45 -30.64
N ASP B 166 -8.25 6.61 -30.17
CA ASP B 166 -8.03 5.30 -30.84
C ASP B 166 -9.26 4.38 -30.79
N PHE B 167 -10.07 4.52 -29.73
CA PHE B 167 -11.19 3.65 -29.46
C PHE B 167 -12.46 4.27 -30.07
N GLU B 168 -12.30 5.44 -30.66
CA GLU B 168 -13.40 6.09 -31.38
C GLU B 168 -13.43 5.63 -32.84
N ALA B 169 -12.49 4.76 -33.20
CA ALA B 169 -12.51 4.09 -34.50
C ALA B 169 -13.71 3.15 -34.58
N ASP B 170 -14.13 2.81 -35.82
CA ASP B 170 -15.23 1.86 -36.04
C ASP B 170 -14.91 0.48 -35.52
N ALA B 171 -15.88 -0.13 -34.82
CA ALA B 171 -15.77 -1.54 -34.42
C ALA B 171 -16.17 -2.45 -35.60
N SER B 172 -15.81 -3.73 -35.54
CA SER B 172 -16.07 -4.67 -36.65
C SER B 172 -17.57 -4.90 -36.82
N ASN B 173 -18.24 -4.98 -35.67
CA ASN B 173 -19.65 -5.34 -35.56
C ASN B 173 -20.58 -4.14 -35.47
N GLY B 174 -20.04 -2.94 -35.67
CA GLY B 174 -20.84 -1.71 -35.68
C GLY B 174 -20.59 -0.80 -34.49
N GLY B 175 -20.83 0.51 -34.67
CA GLY B 175 -20.49 1.48 -33.65
C GLY B 175 -18.98 1.71 -33.55
N THR B 176 -18.59 2.40 -32.48
CA THR B 176 -17.18 2.67 -32.21
C THR B 176 -16.66 1.55 -31.34
N LEU B 177 -15.33 1.50 -31.16
CA LEU B 177 -14.77 0.53 -30.19
C LEU B 177 -15.13 0.82 -28.75
N VAL B 178 -15.38 2.09 -28.42
CA VAL B 178 -15.93 2.40 -27.09
C VAL B 178 -17.30 1.72 -26.90
N ASP B 179 -18.18 1.84 -27.90
CA ASP B 179 -19.48 1.12 -27.91
C ASP B 179 -19.25 -0.38 -27.75
N ALA B 180 -18.37 -0.95 -28.58
CA ALA B 180 -18.08 -2.38 -28.47
C ALA B 180 -17.58 -2.78 -27.08
N ALA B 181 -16.76 -1.93 -26.43
CA ALA B 181 -16.23 -2.27 -25.11
C ALA B 181 -17.41 -2.31 -24.11
N ARG B 182 -18.27 -1.31 -24.17
CA ARG B 182 -19.48 -1.31 -23.32
C ARG B 182 -20.37 -2.53 -23.63
N ASP B 183 -20.54 -2.90 -24.90
CA ASP B 183 -21.27 -4.13 -25.27
C ASP B 183 -20.63 -5.33 -24.57
N ASN B 184 -19.30 -5.32 -24.41
CA ASN B 184 -18.64 -6.45 -23.82
C ASN B 184 -18.53 -6.37 -22.31
N GLY B 185 -19.20 -5.39 -21.71
CA GLY B 185 -19.24 -5.25 -20.27
C GLY B 185 -18.23 -4.34 -19.64
N TYR B 186 -17.39 -3.69 -20.44
CA TYR B 186 -16.45 -2.73 -19.87
C TYR B 186 -17.16 -1.50 -19.33
N THR B 187 -16.70 -1.03 -18.17
CA THR B 187 -17.08 0.29 -17.62
C THR B 187 -16.02 1.26 -18.06
N ILE B 188 -16.45 2.41 -18.59
CA ILE B 188 -15.50 3.41 -19.07
C ILE B 188 -15.24 4.44 -18.00
N ALA B 189 -13.96 4.71 -17.70
CA ALA B 189 -13.61 5.78 -16.74
C ALA B 189 -12.74 6.79 -17.42
N GLU B 190 -12.99 8.09 -17.21
CA GLU B 190 -12.19 9.10 -17.89
C GLU B 190 -11.50 10.11 -17.03
N THR B 191 -11.69 9.98 -15.72
CA THR B 191 -11.01 10.86 -14.74
C THR B 191 -10.59 10.03 -13.54
N ALA B 192 -9.73 10.58 -12.69
CA ALA B 192 -9.36 9.91 -11.44
C ALA B 192 -10.60 9.59 -10.58
N ALA B 193 -11.51 10.56 -10.43
CA ALA B 193 -12.73 10.33 -9.65
C ALA B 193 -13.51 9.17 -10.20
N GLU B 194 -13.62 9.09 -11.53
CA GLU B 194 -14.39 8.00 -12.14
C GLU B 194 -13.73 6.65 -11.90
N LEU B 195 -12.38 6.63 -11.92
CA LEU B 195 -11.65 5.40 -11.74
C LEU B 195 -11.85 4.94 -10.29
N ASP B 196 -11.82 5.89 -9.34
CA ASP B 196 -12.06 5.50 -7.93
C ASP B 196 -13.46 4.91 -7.78
N ALA B 197 -14.44 5.47 -8.51
CA ALA B 197 -15.84 5.01 -8.40
C ALA B 197 -16.10 3.63 -9.03
N VAL B 198 -15.25 3.18 -9.98
CA VAL B 198 -15.44 1.87 -10.63
C VAL B 198 -15.29 0.79 -9.61
N ASP B 199 -16.30 -0.04 -9.47
CA ASP B 199 -16.23 -1.01 -8.40
C ASP B 199 -16.10 -2.46 -8.91
N ASP B 200 -16.31 -2.69 -10.23
CA ASP B 200 -16.26 -4.04 -10.83
C ASP B 200 -15.47 -4.09 -12.14
N PRO B 201 -14.72 -5.18 -12.37
CA PRO B 201 -14.13 -5.32 -13.73
C PRO B 201 -15.17 -5.82 -14.74
N PRO B 202 -14.92 -5.70 -16.05
CA PRO B 202 -13.72 -5.11 -16.65
C PRO B 202 -13.85 -3.59 -16.79
N VAL B 203 -12.69 -2.93 -16.85
CA VAL B 203 -12.64 -1.47 -16.91
C VAL B 203 -11.72 -1.03 -18.06
N LEU B 204 -12.19 -0.02 -18.79
CA LEU B 204 -11.40 0.65 -19.80
C LEU B 204 -11.27 2.09 -19.32
N GLY B 205 -10.08 2.49 -18.90
CA GLY B 205 -9.86 3.86 -18.39
C GLY B 205 -9.04 4.60 -19.41
N LEU B 206 -9.61 5.65 -19.97
CA LEU B 206 -8.94 6.46 -20.98
C LEU B 206 -8.90 7.88 -20.47
N PHE B 207 -7.72 8.31 -20.04
CA PHE B 207 -7.66 9.57 -19.27
C PHE B 207 -7.26 10.82 -20.05
N SER B 208 -7.08 10.67 -21.35
CA SER B 208 -6.81 11.80 -22.23
C SER B 208 -7.57 11.50 -23.51
N GLN B 209 -8.03 12.55 -24.19
CA GLN B 209 -8.65 12.40 -25.50
C GLN B 209 -7.62 12.03 -26.55
N GLU B 210 -6.51 12.77 -26.55
CA GLU B 210 -5.42 12.48 -27.47
C GLU B 210 -4.12 12.40 -26.69
N SER B 211 -3.21 11.58 -27.20
CA SER B 211 -1.86 11.47 -26.72
C SER B 211 -1.79 10.92 -25.30
N HIS B 212 -0.62 11.08 -24.67
CA HIS B 212 -0.31 10.43 -23.38
C HIS B 212 -0.91 11.13 -22.20
N LEU B 213 -0.86 10.49 -21.03
CA LEU B 213 -1.21 11.26 -19.82
C LEU B 213 -0.14 12.34 -19.64
N ASP B 214 -0.46 13.38 -18.88
CA ASP B 214 0.50 14.43 -18.61
C ASP B 214 1.70 13.86 -17.86
N TYR B 215 2.83 14.58 -17.94
CA TYR B 215 3.98 14.20 -17.10
C TYR B 215 3.67 14.30 -15.61
N TYR B 216 4.37 13.49 -14.80
CA TYR B 216 4.18 13.46 -13.36
C TYR B 216 4.17 14.87 -12.69
N LEU B 217 5.15 15.72 -13.01
CA LEU B 217 5.13 17.06 -12.37
C LEU B 217 3.86 17.85 -12.69
N ASP B 218 3.37 17.66 -13.91
CA ASP B 218 2.19 18.41 -14.36
C ASP B 218 0.90 17.82 -13.76
N ARG B 219 0.77 16.51 -13.73
CA ARG B 219 -0.34 15.86 -12.98
C ARG B 219 -0.35 16.25 -11.52
N LYS B 220 0.82 16.28 -10.88
CA LYS B 220 0.86 16.59 -9.46
C LYS B 220 0.51 18.04 -9.16
N ASN B 221 0.94 18.94 -10.03
CA ASN B 221 0.92 20.37 -9.72
C ASN B 221 -0.05 21.25 -10.48
N ASP B 222 -0.69 20.75 -11.54
CA ASP B 222 -1.64 21.55 -12.31
C ASP B 222 -3.03 21.33 -11.69
N PRO B 223 -3.67 22.41 -11.15
CA PRO B 223 -4.93 22.18 -10.43
C PRO B 223 -6.08 21.77 -11.36
N GLU B 224 -5.97 22.10 -12.64
CA GLU B 224 -6.95 21.67 -13.65
C GLU B 224 -6.82 20.19 -14.05
N ASN B 225 -5.83 19.49 -13.50
CA ASN B 225 -5.65 18.13 -13.97
C ASN B 225 -6.63 17.13 -13.33
N THR B 226 -7.19 16.26 -14.15
CA THR B 226 -8.15 15.26 -13.69
C THR B 226 -7.64 13.82 -13.85
N GLN B 227 -6.37 13.67 -14.26
CA GLN B 227 -5.84 12.33 -14.52
C GLN B 227 -5.34 11.69 -13.21
N PRO B 228 -5.53 10.37 -13.08
CA PRO B 228 -4.96 9.66 -11.93
C PRO B 228 -3.45 9.59 -12.06
N ASN B 229 -2.77 9.54 -10.93
CA ASN B 229 -1.33 9.26 -10.97
C ASN B 229 -1.09 7.78 -11.08
N LEU B 230 0.17 7.37 -11.36
CA LEU B 230 0.46 5.95 -11.57
C LEU B 230 0.16 5.13 -10.33
N ASP B 231 0.45 5.68 -9.15
CA ASP B 231 0.19 4.95 -7.90
C ASP B 231 -1.31 4.64 -7.74
N ALA B 232 -2.16 5.61 -8.10
CA ALA B 232 -3.59 5.38 -8.04
C ALA B 232 -4.09 4.39 -9.09
N MET B 233 -3.58 4.45 -10.32
CA MET B 233 -3.98 3.48 -11.33
C MET B 233 -3.58 2.08 -10.94
N VAL B 234 -2.38 1.96 -10.39
CA VAL B 234 -1.90 0.63 -9.93
C VAL B 234 -2.74 0.15 -8.75
N ASP B 235 -3.00 1.01 -7.78
CA ASP B 235 -3.88 0.63 -6.69
C ASP B 235 -5.28 0.17 -7.20
N ALA B 236 -5.86 0.94 -8.12
CA ALA B 236 -7.16 0.61 -8.67
C ALA B 236 -7.12 -0.72 -9.43
N GLY B 237 -6.11 -0.87 -10.28
CA GLY B 237 -5.98 -2.03 -11.11
C GLY B 237 -5.76 -3.30 -10.30
N VAL B 238 -4.89 -3.23 -9.30
CA VAL B 238 -4.59 -4.43 -8.55
C VAL B 238 -5.84 -4.79 -7.72
N ASP B 239 -6.53 -3.78 -7.20
CA ASP B 239 -7.77 -4.07 -6.46
C ASP B 239 -8.83 -4.76 -7.34
N LEU B 240 -9.06 -4.25 -8.56
CA LEU B 240 -9.98 -4.90 -9.51
C LEU B 240 -9.55 -6.31 -9.94
N LEU B 241 -8.26 -6.50 -10.15
CA LEU B 241 -7.77 -7.81 -10.61
C LEU B 241 -7.76 -8.84 -9.48
N SER B 242 -7.50 -8.38 -8.25
CA SER B 242 -7.35 -9.32 -7.13
C SER B 242 -8.69 -9.70 -6.49
N GLY B 245 -9.61 -12.43 -8.80
CA GLY B 245 -8.65 -13.56 -8.67
C GLY B 245 -9.07 -14.74 -7.83
N ASP B 246 -8.26 -15.79 -7.90
CA ASP B 246 -8.41 -17.01 -7.13
C ASP B 246 -7.12 -17.33 -6.36
N PRO B 247 -7.13 -18.35 -5.46
CA PRO B 247 -5.91 -18.59 -4.69
C PRO B 247 -4.73 -18.90 -5.58
N ASP B 248 -4.89 -19.80 -6.57
CA ASP B 248 -3.75 -20.20 -7.44
C ASP B 248 -3.72 -19.42 -8.77
N LYS B 249 -4.91 -19.06 -9.26
CA LYS B 249 -5.05 -18.23 -10.46
C LYS B 249 -5.46 -16.83 -10.05
N GLY B 250 -4.47 -16.00 -9.86
CA GLY B 250 -4.73 -14.62 -9.53
C GLY B 250 -4.76 -13.82 -10.79
N PHE B 251 -3.75 -12.97 -10.96
CA PHE B 251 -3.71 -12.12 -12.14
C PHE B 251 -2.32 -11.96 -12.74
N PHE B 252 -2.30 -11.68 -14.05
CA PHE B 252 -1.11 -11.13 -14.68
C PHE B 252 -1.34 -9.64 -14.99
N LEU B 253 -0.39 -8.79 -14.63
CA LEU B 253 -0.57 -7.37 -14.88
C LEU B 253 0.71 -6.79 -15.49
N LEU B 254 0.55 -6.06 -16.59
N LEU B 254 0.55 -6.01 -16.57
CA LEU B 254 1.63 -5.19 -17.05
CA LEU B 254 1.65 -5.22 -17.16
C LEU B 254 1.37 -3.80 -16.49
C LEU B 254 1.46 -3.75 -16.74
N VAL B 255 2.41 -3.20 -15.97
CA VAL B 255 2.35 -1.81 -15.51
C VAL B 255 3.51 -1.09 -16.22
N GLU B 256 3.23 0.07 -16.78
CA GLU B 256 4.30 0.82 -17.45
C GLU B 256 4.31 2.26 -16.98
N SER B 257 5.49 2.74 -16.57
CA SER B 257 5.71 4.17 -16.43
C SER B 257 6.37 4.58 -17.76
N GLY B 258 5.59 5.19 -18.66
CA GLY B 258 6.06 5.26 -20.04
C GLY B 258 6.68 6.55 -20.48
N ARG B 259 6.63 7.57 -19.61
CA ARG B 259 7.07 8.87 -20.05
C ARG B 259 8.47 9.28 -19.67
N VAL B 260 9.18 8.43 -18.92
CA VAL B 260 10.60 8.67 -18.72
C VAL B 260 11.27 8.75 -20.12
N ASP B 261 10.91 7.82 -21.01
CA ASP B 261 11.34 7.79 -22.41
C ASP B 261 11.03 9.11 -23.12
N HIS B 262 9.80 9.62 -22.93
CA HIS B 262 9.39 10.84 -23.66
C HIS B 262 10.21 12.05 -23.26
N ALA B 263 10.44 12.15 -21.96
CA ALA B 263 11.32 13.19 -21.43
C ALA B 263 12.75 13.05 -21.97
N GLY B 264 13.25 11.82 -22.14
CA GLY B 264 14.57 11.59 -22.75
C GLY B 264 14.63 12.09 -24.17
N HIS B 265 13.61 11.78 -24.97
CA HIS B 265 13.58 12.23 -26.38
C HIS B 265 13.57 13.74 -26.52
N ALA B 266 12.89 14.40 -25.59
CA ALA B 266 12.78 15.87 -25.56
C ALA B 266 13.98 16.54 -24.84
N ASN B 267 14.83 15.72 -24.22
CA ASN B 267 15.94 16.17 -23.35
C ASN B 267 15.35 17.14 -22.28
N TYR B 268 14.30 16.69 -21.60
CA TYR B 268 13.70 17.48 -20.51
C TYR B 268 14.28 17.03 -19.18
N PRO B 269 14.78 17.98 -18.33
CA PRO B 269 15.33 17.61 -17.00
C PRO B 269 14.28 16.90 -16.12
N ALA B 270 13.00 17.06 -16.48
CA ALA B 270 11.91 16.44 -15.75
C ALA B 270 11.94 14.93 -15.89
N GLN B 271 12.83 14.41 -16.74
CA GLN B 271 13.01 12.94 -16.80
C GLN B 271 13.34 12.43 -15.39
N VAL B 272 14.14 13.18 -14.65
CA VAL B 272 14.48 12.74 -13.29
C VAL B 272 13.24 12.65 -12.37
N ALA B 273 12.37 13.67 -12.36
CA ALA B 273 11.11 13.57 -11.58
C ALA B 273 10.20 12.48 -12.07
N GLU B 274 10.16 12.25 -13.38
CA GLU B 274 9.33 11.15 -13.88
C GLU B 274 9.87 9.80 -13.33
N GLN B 275 11.19 9.66 -13.30
CA GLN B 275 11.81 8.41 -12.78
C GLN B 275 11.56 8.33 -11.27
N TYR B 276 11.52 9.47 -10.61
CA TYR B 276 11.24 9.49 -9.17
C TYR B 276 9.87 8.88 -8.87
N GLU B 277 8.84 9.28 -9.61
CA GLU B 277 7.52 8.63 -9.48
C GLU B 277 7.60 7.15 -9.81
N ALA B 278 8.37 6.81 -10.86
CA ALA B 278 8.48 5.41 -11.30
C ALA B 278 9.10 4.53 -10.20
N THR B 279 10.12 5.08 -9.52
CA THR B 279 10.79 4.31 -8.49
C THR B 279 9.84 4.16 -7.28
N GLN B 280 9.07 5.19 -6.97
CA GLN B 280 8.05 5.08 -5.91
C GLN B 280 7.05 3.94 -6.17
N VAL B 281 6.61 3.85 -7.42
CA VAL B 281 5.67 2.81 -7.83
C VAL B 281 6.31 1.42 -7.72
N ALA B 282 7.60 1.30 -8.06
CA ALA B 282 8.34 0.02 -7.83
C ALA B 282 8.20 -0.44 -6.37
N GLY B 283 8.38 0.50 -5.43
CA GLY B 283 8.30 0.18 -3.99
C GLY B 283 6.88 -0.25 -3.60
N GLN B 284 5.89 0.45 -4.19
CA GLN B 284 4.45 0.13 -4.01
C GLN B 284 4.15 -1.30 -4.46
N LEU B 285 4.79 -1.73 -5.54
CA LEU B 285 4.54 -3.07 -6.07
C LEU B 285 5.19 -4.13 -5.18
N VAL B 286 6.40 -3.85 -4.68
CA VAL B 286 7.01 -4.76 -3.69
C VAL B 286 6.18 -4.90 -2.41
N GLU B 287 5.68 -3.79 -1.90
CA GLU B 287 4.84 -3.76 -0.71
C GLU B 287 3.59 -4.61 -0.97
N TYR B 288 3.04 -4.52 -2.18
CA TYR B 288 1.87 -5.32 -2.50
C TYR B 288 2.23 -6.80 -2.52
N ALA B 289 3.29 -7.14 -3.24
CA ALA B 289 3.77 -8.52 -3.34
C ALA B 289 4.01 -9.17 -1.98
N GLU B 290 4.48 -8.38 -1.01
CA GLU B 290 4.76 -8.92 0.33
C GLU B 290 3.48 -9.12 1.16
N THR B 291 2.40 -8.50 0.76
CA THR B 291 1.15 -8.60 1.49
C THR B 291 0.31 -9.80 1.08
N THR B 292 0.50 -10.31 -0.13
CA THR B 292 -0.44 -11.29 -0.68
C THR B 292 -0.39 -12.62 0.01
N ALA B 293 -1.56 -13.22 0.21
CA ALA B 293 -1.63 -14.54 0.86
C ALA B 293 -0.88 -15.63 0.08
N GLU B 294 -0.92 -15.54 -1.23
CA GLU B 294 -0.27 -16.48 -2.13
C GLU B 294 0.90 -15.76 -2.80
N PRO B 295 1.90 -16.48 -3.29
CA PRO B 295 3.06 -15.73 -3.78
C PRO B 295 2.80 -14.88 -5.02
N THR B 296 3.50 -13.75 -5.05
CA THR B 296 3.44 -12.82 -6.15
C THR B 296 4.84 -12.70 -6.73
N PHE B 297 4.97 -12.87 -8.04
CA PHE B 297 6.26 -12.71 -8.73
C PHE B 297 6.24 -11.33 -9.39
N LEU B 298 7.29 -10.54 -9.16
CA LEU B 298 7.43 -9.22 -9.76
C LEU B 298 8.76 -9.16 -10.54
N VAL B 299 8.72 -8.62 -11.74
CA VAL B 299 9.94 -8.37 -12.51
C VAL B 299 9.83 -6.96 -13.08
N SER B 300 10.90 -6.19 -12.94
CA SER B 300 10.87 -4.80 -13.41
C SER B 300 12.11 -4.46 -14.17
N THR B 301 12.00 -3.67 -15.25
CA THR B 301 13.20 -3.33 -16.03
C THR B 301 12.90 -2.17 -16.95
N GLY B 302 13.93 -1.67 -17.63
CA GLY B 302 13.76 -0.65 -18.65
C GLY B 302 13.72 -1.39 -19.97
N ASP B 303 13.01 -0.86 -20.93
CA ASP B 303 13.09 -1.48 -22.25
C ASP B 303 14.43 -1.08 -22.93
N HIS B 304 14.97 0.09 -22.57
CA HIS B 304 16.26 0.60 -23.10
C HIS B 304 16.49 1.92 -22.37
N GLU B 305 17.63 2.55 -22.61
CA GLU B 305 17.89 3.88 -22.03
C GLU B 305 17.48 4.92 -23.06
N CYS B 306 16.97 6.05 -22.59
CA CYS B 306 16.68 7.09 -23.57
C CYS B 306 17.29 8.45 -23.23
N GLY B 307 17.92 9.07 -24.23
CA GLY B 307 18.42 10.44 -24.11
C GLY B 307 19.92 10.54 -23.85
N GLY B 308 20.57 9.44 -23.48
CA GLY B 308 21.99 9.53 -23.10
C GLY B 308 22.19 10.50 -21.95
N LEU B 309 21.32 10.38 -20.94
CA LEU B 309 21.42 11.22 -19.73
C LEU B 309 22.73 10.95 -18.99
N THR B 310 23.40 12.03 -18.55
CA THR B 310 24.59 11.88 -17.69
C THR B 310 24.47 12.80 -16.47
N LEU B 311 24.96 12.30 -15.34
CA LEU B 311 24.89 13.07 -14.07
C LEU B 311 26.18 13.89 -13.94
N GLY B 312 26.21 14.95 -14.73
CA GLY B 312 27.37 15.81 -14.89
C GLY B 312 27.29 16.41 -16.28
N ARG B 313 27.96 17.52 -16.48
CA ARG B 313 27.82 18.28 -17.72
C ARG B 313 29.12 19.07 -17.90
N ASP B 314 29.82 18.82 -19.01
CA ASP B 314 31.04 19.54 -19.38
C ASP B 314 32.33 19.28 -18.63
N SER B 315 32.31 19.47 -17.31
CA SER B 315 33.51 19.35 -16.49
C SER B 315 33.35 19.15 -14.96
N PRO B 316 32.54 19.97 -14.27
CA PRO B 316 32.55 19.87 -12.79
C PRO B 316 32.01 18.58 -12.16
N TYR B 317 32.51 18.28 -10.96
CA TYR B 317 32.11 17.06 -10.24
C TYR B 317 30.96 17.42 -9.31
N GLU B 318 29.95 18.06 -9.89
CA GLU B 318 28.80 18.60 -9.11
C GLU B 318 27.55 18.54 -9.94
N VAL B 319 26.45 18.17 -9.29
CA VAL B 319 25.12 18.22 -9.88
C VAL B 319 24.34 19.06 -8.86
N GLU B 320 23.45 19.90 -9.36
CA GLU B 320 22.65 20.76 -8.48
C GLU B 320 21.23 20.21 -8.30
N TYR B 321 21.06 19.29 -7.35
CA TYR B 321 19.81 18.60 -7.22
C TYR B 321 18.68 19.53 -6.77
N ASP B 322 19.01 20.68 -6.15
CA ASP B 322 17.96 21.60 -5.74
C ASP B 322 17.15 22.11 -6.92
N VAL B 323 17.81 22.28 -8.07
CA VAL B 323 17.14 22.73 -9.31
C VAL B 323 16.02 21.74 -9.64
N LEU B 324 16.33 20.45 -9.57
CA LEU B 324 15.37 19.42 -9.97
C LEU B 324 14.27 19.25 -8.90
N ALA B 325 14.68 19.31 -7.63
CA ALA B 325 13.73 19.18 -6.52
C ALA B 325 12.70 20.31 -6.53
N ALA B 326 13.11 21.51 -6.92
CA ALA B 326 12.22 22.68 -6.83
C ALA B 326 11.35 22.85 -8.08
N GLN B 327 11.58 22.02 -9.09
CA GLN B 327 10.84 22.16 -10.35
C GLN B 327 9.45 21.63 -10.16
N LYS B 328 8.43 22.43 -10.48
CA LYS B 328 7.05 21.99 -10.25
C LYS B 328 6.25 21.90 -11.52
N ALA B 329 6.86 22.26 -12.64
CA ALA B 329 6.22 22.10 -13.95
C ALA B 329 7.28 21.60 -14.92
N THR B 330 6.88 20.73 -15.84
CA THR B 330 7.80 20.36 -16.90
C THR B 330 7.90 21.45 -17.97
N THR B 331 8.88 21.30 -18.85
CA THR B 331 9.04 22.22 -19.99
C THR B 331 7.75 22.24 -20.84
N SER B 332 7.08 21.08 -20.94
CA SER B 332 5.88 21.00 -21.76
C SER B 332 4.84 22.02 -21.27
N ARG B 333 4.58 22.01 -19.97
CA ARG B 333 3.67 22.93 -19.34
C ARG B 333 4.16 24.37 -19.33
N LEU B 334 5.44 24.57 -19.01
CA LEU B 334 6.02 25.92 -19.01
C LEU B 334 5.89 26.61 -20.37
N ARG B 335 6.08 25.84 -21.45
CA ARG B 335 5.94 26.41 -22.80
C ARG B 335 4.57 27.05 -22.97
N ASP B 336 3.55 26.41 -22.42
CA ASP B 336 2.19 26.95 -22.50
C ASP B 336 2.02 28.15 -21.56
N LEU B 337 2.63 28.09 -20.38
CA LEU B 337 2.51 29.16 -19.39
C LEU B 337 3.23 30.42 -19.88
N LEU B 338 4.37 30.25 -20.59
CA LEU B 338 5.19 31.39 -21.00
C LEU B 338 4.82 31.92 -22.40
N ALA B 339 3.92 31.21 -23.07
CA ALA B 339 3.49 31.53 -24.45
C ALA B 339 3.02 32.98 -24.55
N GLY B 340 3.63 33.73 -25.46
CA GLY B 340 3.22 35.11 -25.74
C GLY B 340 3.64 36.14 -24.71
N VAL B 341 4.37 35.73 -23.67
CA VAL B 341 4.75 36.67 -22.61
C VAL B 341 6.04 37.34 -23.04
N ARG B 342 6.11 38.66 -22.99
CA ARG B 342 7.28 39.42 -23.44
C ARG B 342 8.02 40.12 -22.32
N SER B 343 7.27 40.62 -21.35
CA SER B 343 7.84 41.40 -20.26
C SER B 343 8.83 40.57 -19.43
N ALA B 344 10.01 41.11 -19.13
CA ALA B 344 10.94 40.40 -18.24
C ALA B 344 10.35 40.10 -16.85
N ASP B 345 9.73 41.10 -16.24
CA ASP B 345 9.07 40.88 -14.94
C ASP B 345 8.07 39.74 -14.98
N GLU B 346 7.26 39.68 -16.04
CA GLU B 346 6.24 38.65 -16.12
C GLU B 346 6.87 37.25 -16.35
N LEU B 347 7.87 37.19 -17.23
CA LEU B 347 8.55 35.92 -17.46
C LEU B 347 9.20 35.41 -16.18
N GLU B 348 9.81 36.32 -15.41
CA GLU B 348 10.47 35.92 -14.17
C GLU B 348 9.47 35.45 -13.11
N SER B 349 8.37 36.18 -12.99
CA SER B 349 7.27 35.83 -12.08
C SER B 349 6.72 34.44 -12.37
N ILE B 350 6.49 34.14 -13.66
CA ILE B 350 5.96 32.82 -14.04
C ILE B 350 6.99 31.71 -13.74
N VAL B 351 8.25 31.93 -14.15
CA VAL B 351 9.30 30.94 -13.88
C VAL B 351 9.40 30.70 -12.38
N ALA B 352 9.34 31.78 -11.61
CA ALA B 352 9.50 31.68 -10.14
C ALA B 352 8.34 30.95 -9.46
N ALA B 353 7.14 31.10 -10.01
CA ALA B 353 5.95 30.40 -9.50
C ALA B 353 6.04 28.91 -9.71
N HIS B 354 6.90 28.43 -10.61
CA HIS B 354 6.85 26.99 -10.93
C HIS B 354 8.19 26.27 -10.78
N THR B 355 9.21 26.98 -10.33
CA THR B 355 10.56 26.41 -10.23
C THR B 355 11.26 27.03 -9.01
N GLY B 356 12.50 26.64 -8.75
CA GLY B 356 13.25 27.25 -7.65
C GLY B 356 14.07 28.46 -8.12
N ILE B 357 13.92 28.84 -9.38
CA ILE B 357 14.67 29.97 -9.94
C ILE B 357 14.07 31.25 -9.39
N THR B 358 14.85 32.10 -8.77
CA THR B 358 14.23 33.33 -8.28
C THR B 358 14.66 34.54 -9.07
N ALA B 359 15.71 34.40 -9.88
CA ALA B 359 16.20 35.53 -10.67
C ALA B 359 16.69 34.98 -11.99
N LEU B 360 16.21 35.52 -13.09
CA LEU B 360 16.71 35.08 -14.40
C LEU B 360 17.74 36.07 -14.83
N THR B 361 18.73 35.62 -15.59
CA THR B 361 19.65 36.61 -16.22
C THR B 361 18.93 37.30 -17.39
N ASP B 362 19.49 38.41 -17.86
CA ASP B 362 18.94 39.07 -19.06
C ASP B 362 18.95 38.11 -20.26
N ARG B 363 19.99 37.29 -20.35
CA ARG B 363 20.07 36.30 -21.42
C ARG B 363 18.94 35.28 -21.29
N GLU B 364 18.70 34.79 -20.08
CA GLU B 364 17.62 33.79 -19.91
C GLU B 364 16.27 34.37 -20.33
N VAL B 365 16.02 35.62 -19.94
CA VAL B 365 14.85 36.35 -20.39
C VAL B 365 14.75 36.39 -21.91
N ALA B 366 15.84 36.74 -22.58
CA ALA B 366 15.83 36.71 -24.03
C ALA B 366 15.51 35.33 -24.63
N LYS B 367 16.07 34.25 -24.05
CA LYS B 367 15.85 32.89 -24.56
C LYS B 367 14.38 32.54 -24.42
N LEU B 368 13.80 32.91 -23.27
CA LEU B 368 12.40 32.50 -23.01
C LEU B 368 11.42 33.32 -23.84
N ARG B 369 11.72 34.61 -24.03
CA ARG B 369 10.92 35.50 -24.87
C ARG B 369 10.89 35.00 -26.32
N ASP B 370 12.03 34.51 -26.78
CA ASP B 370 12.17 33.95 -28.09
C ASP B 370 11.46 32.59 -28.22
N ALA B 371 11.79 31.65 -27.36
CA ALA B 371 11.27 30.30 -27.47
C ALA B 371 11.16 29.70 -26.08
N PRO B 372 9.94 29.66 -25.54
CA PRO B 372 9.84 29.20 -24.14
C PRO B 372 10.29 27.78 -23.92
N GLY B 373 10.28 26.95 -24.96
CA GLY B 373 10.84 25.59 -24.86
C GLY B 373 12.30 25.53 -24.51
N SER B 374 13.03 26.64 -24.72
CA SER B 374 14.43 26.76 -24.27
C SER B 374 14.61 26.62 -22.74
N ILE B 375 13.52 26.72 -21.95
CA ILE B 375 13.59 26.52 -20.50
C ILE B 375 14.21 25.13 -20.20
N SER B 376 13.99 24.15 -21.09
CA SER B 376 14.56 22.81 -20.80
C SER B 376 16.10 22.89 -20.75
N THR B 377 16.72 23.67 -21.64
CA THR B 377 18.18 23.77 -21.63
C THR B 377 18.69 24.66 -20.47
N ILE B 378 17.93 25.72 -20.16
CA ILE B 378 18.23 26.56 -19.01
C ILE B 378 18.22 25.73 -17.75
N LEU B 379 17.18 24.90 -17.59
CA LEU B 379 17.15 24.04 -16.40
C LEU B 379 18.24 22.95 -16.41
N ALA B 380 18.49 22.30 -17.55
CA ALA B 380 19.53 21.29 -17.60
C ALA B 380 20.89 21.88 -17.21
N GLU B 381 21.16 23.08 -17.71
CA GLU B 381 22.41 23.75 -17.41
C GLU B 381 22.48 24.10 -15.90
N ARG B 382 21.42 24.69 -15.35
CA ARG B 382 21.39 25.01 -13.95
C ARG B 382 21.52 23.79 -13.04
N ALA B 383 20.99 22.64 -13.49
CA ALA B 383 21.11 21.39 -12.68
C ALA B 383 22.48 20.71 -12.88
N GLY B 384 23.15 21.01 -14.00
CA GLY B 384 24.42 20.35 -14.31
C GLY B 384 24.27 18.93 -14.82
N ILE B 385 23.17 18.63 -15.51
CA ILE B 385 23.04 17.37 -16.19
C ILE B 385 23.11 17.57 -17.72
N ALA B 386 23.28 16.50 -18.47
CA ALA B 386 23.41 16.60 -19.93
C ALA B 386 22.78 15.39 -20.60
N PHE B 387 22.42 15.56 -21.87
CA PHE B 387 21.89 14.49 -22.74
C PHE B 387 22.75 14.48 -24.00
N THR B 388 22.99 13.32 -24.56
CA THR B 388 23.80 13.27 -25.80
C THR B 388 23.01 13.03 -27.06
N THR B 389 21.73 12.67 -26.90
CA THR B 389 20.97 12.23 -28.05
C THR B 389 19.48 12.51 -27.83
N ASP B 390 18.73 12.59 -28.92
CA ASP B 390 17.27 12.62 -28.81
C ASP B 390 16.70 11.24 -29.12
N GLY B 391 17.59 10.23 -29.14
CA GLY B 391 17.18 8.87 -29.39
C GLY B 391 17.47 7.91 -28.23
N HIS B 392 17.37 6.63 -28.53
CA HIS B 392 17.65 5.63 -27.51
C HIS B 392 19.13 5.31 -27.51
N THR B 393 19.62 4.76 -26.41
CA THR B 393 21.01 4.30 -26.42
C THR B 393 21.05 2.83 -26.15
N GLY B 394 22.19 2.22 -26.46
CA GLY B 394 22.29 0.76 -26.46
C GLY B 394 22.87 0.13 -25.21
N THR B 395 22.93 0.85 -24.11
CA THR B 395 23.42 0.25 -22.87
C THR B 395 22.53 -0.91 -22.37
N ASP B 396 23.16 -1.87 -21.68
CA ASP B 396 22.38 -2.85 -20.89
C ASP B 396 21.66 -2.03 -19.79
N VAL B 397 20.56 -2.55 -19.26
CA VAL B 397 19.76 -1.78 -18.25
C VAL B 397 19.52 -2.70 -17.03
N PRO B 398 19.24 -2.12 -15.87
CA PRO B 398 18.99 -2.99 -14.74
C PRO B 398 17.70 -3.77 -14.88
N VAL B 399 17.66 -4.97 -14.28
CA VAL B 399 16.43 -5.69 -14.13
C VAL B 399 16.33 -6.08 -12.65
N PHE B 400 15.12 -6.09 -12.15
CA PHE B 400 14.84 -6.36 -10.72
C PHE B 400 13.79 -7.45 -10.65
N ALA B 401 13.87 -8.30 -9.61
CA ALA B 401 12.86 -9.35 -9.45
C ALA B 401 12.60 -9.61 -8.00
N HIS B 402 11.39 -10.10 -7.71
CA HIS B 402 10.99 -10.31 -6.33
C HIS B 402 10.04 -11.46 -6.35
N GLY B 403 10.05 -12.28 -5.31
CA GLY B 403 9.12 -13.41 -5.25
C GLY B 403 9.80 -14.70 -5.65
N PRO B 404 9.00 -15.73 -5.96
CA PRO B 404 9.59 -17.05 -6.23
C PRO B 404 10.54 -17.03 -7.41
N ASN B 405 11.71 -17.64 -7.23
CA ASN B 405 12.72 -17.75 -8.33
C ASN B 405 13.30 -16.41 -8.76
N ALA B 406 13.17 -15.40 -7.91
CA ALA B 406 13.68 -14.07 -8.25
C ALA B 406 15.21 -14.07 -8.37
N ALA B 407 15.87 -14.98 -7.63
CA ALA B 407 17.33 -15.03 -7.66
C ALA B 407 17.92 -15.45 -9.01
N ARG B 408 17.07 -15.97 -9.90
CA ARG B 408 17.54 -16.25 -11.27
C ARG B 408 17.91 -14.94 -11.98
N PHE B 409 17.45 -13.81 -11.44
CA PHE B 409 17.82 -12.51 -11.99
C PHE B 409 19.05 -11.86 -11.37
N ASP B 410 19.73 -12.57 -10.45
CA ASP B 410 21.04 -12.11 -9.94
C ASP B 410 22.10 -12.54 -10.95
N ALA B 411 21.95 -12.06 -12.18
CA ALA B 411 22.75 -12.53 -13.30
C ALA B 411 22.57 -11.52 -14.41
N ALA B 412 23.42 -11.62 -15.43
CA ALA B 412 23.22 -10.91 -16.69
C ALA B 412 22.24 -11.76 -17.48
N ARG B 413 21.16 -11.14 -17.93
CA ARG B 413 20.13 -11.85 -18.68
C ARG B 413 19.82 -11.15 -20.01
N ASP B 414 19.21 -11.88 -20.94
CA ASP B 414 18.70 -11.19 -22.12
C ASP B 414 17.25 -10.72 -21.89
N ASN B 415 16.75 -9.76 -22.68
CA ASN B 415 15.41 -9.25 -22.40
C ASN B 415 14.30 -10.29 -22.62
N THR B 416 14.56 -11.29 -23.46
CA THR B 416 13.63 -12.40 -23.67
C THR B 416 13.43 -13.22 -22.40
N ALA B 417 14.35 -13.09 -21.43
CA ALA B 417 14.26 -13.81 -20.15
C ALA B 417 13.02 -13.40 -19.38
N VAL B 418 12.56 -12.16 -19.57
CA VAL B 418 11.39 -11.65 -18.86
C VAL B 418 10.17 -12.51 -19.16
N ALA B 419 9.95 -12.81 -20.46
CA ALA B 419 8.81 -13.64 -20.86
C ALA B 419 8.92 -15.02 -20.25
N ASP B 420 10.12 -15.60 -20.33
CA ASP B 420 10.34 -16.94 -19.77
C ASP B 420 10.08 -16.99 -18.27
N ALA B 421 10.50 -15.96 -17.54
CA ALA B 421 10.32 -15.98 -16.11
C ALA B 421 8.85 -15.77 -15.74
N LEU B 422 8.18 -14.89 -16.46
CA LEU B 422 6.74 -14.71 -16.20
C LEU B 422 5.98 -15.97 -16.50
N ALA B 423 6.31 -16.62 -17.62
CA ALA B 423 5.64 -17.91 -17.97
C ALA B 423 5.83 -18.96 -16.88
N ALA B 424 7.05 -19.09 -16.40
CA ALA B 424 7.34 -20.05 -15.35
C ALA B 424 6.57 -19.75 -14.08
N ALA B 425 6.51 -18.47 -13.70
CA ALA B 425 5.81 -18.06 -12.49
C ALA B 425 4.33 -18.44 -12.55
N LEU B 426 3.74 -18.20 -13.71
CA LEU B 426 2.29 -18.44 -13.92
C LEU B 426 2.00 -19.89 -14.27
N GLY B 427 3.03 -20.63 -14.67
CA GLY B 427 2.84 -22.02 -15.08
C GLY B 427 2.14 -22.16 -16.42
N VAL B 428 2.49 -21.31 -17.38
CA VAL B 428 1.96 -21.39 -18.73
C VAL B 428 3.05 -21.74 -19.72
N SER B 429 2.65 -22.18 -20.89
CA SER B 429 3.58 -22.53 -21.92
C SER B 429 3.59 -21.46 -23.01
N LEU B 430 4.79 -20.99 -23.31
CA LEU B 430 5.11 -19.84 -24.17
C LEU B 430 4.57 -18.51 -23.66
P PO4 C . -9.40 -3.97 27.96
O1 PO4 C . -9.86 -3.16 29.12
O2 PO4 C . -8.06 -3.69 27.43
O3 PO4 C . -9.29 -5.37 28.64
O4 PO4 C . -10.39 -4.10 26.80
ZN ZN D . -7.29 -6.04 28.67
ZN ZN E . -6.76 -2.46 26.54
MG MG F . -9.60 -2.74 22.68
MG MG G . -12.30 5.73 -2.65
MG MG H . 19.06 -20.60 22.15
MG MG I . -7.56 -11.65 36.63
MG MG J . -8.65 19.36 6.86
NA NA K . 11.29 10.80 19.78
CL CL L . -0.57 -19.25 21.92
CL CL M . -26.63 -6.09 2.96
CL CL N . 11.23 -26.10 20.65
CL CL O . 0.82 15.95 27.33
CL CL P . -9.94 21.83 6.68
CL CL Q . -27.90 8.78 22.50
P PO4 R . 9.71 3.94 -27.80
O1 PO4 R . 10.17 3.10 -28.98
O2 PO4 R . 10.55 3.81 -26.58
O3 PO4 R . 10.12 5.38 -28.26
O4 PO4 R . 8.20 3.91 -27.50
ZN ZN S . 11.64 6.18 -27.15
ZN ZN T . 11.01 2.61 -25.01
MG MG U . 6.42 2.50 -23.78
MG MG V . 0.49 10.02 -30.62
MG MG W . 26.96 22.75 -6.10
MG MG X . 15.83 11.99 -33.72
MG MG Y . -12.48 2.94 -4.97
MG MG Z . -0.55 -19.91 -10.20
NA NA AA . 22.13 -9.27 -8.23
CL CL BA . 11.55 19.72 -18.05
CL CL CA . 19.09 -15.05 -20.36
CL CL DA . -1.54 -22.46 -10.84
CL CL EA . -0.44 -22.62 -21.31
CL CL FA . -19.58 3.03 -18.82
CL CL GA . 19.39 27.45 -10.02
CL CL HA . 11.22 5.42 -3.51
#